data_4RVS
#
_entry.id   4RVS
#
_cell.length_a   83.518
_cell.length_b   83.518
_cell.length_c   273.137
_cell.angle_alpha   90.00
_cell.angle_beta   90.00
_cell.angle_gamma   120.00
#
_symmetry.space_group_name_H-M   'H 3'
#
loop_
_entity.id
_entity.type
_entity.pdbx_description
1 polymer 'Probable quinone reductase Qor (NADPH:quinone reductase) (Zeta-crystallin homolog protein)'
2 water water
#
_entity_poly.entity_id   1
_entity_poly.type   'polypeptide(L)'
_entity_poly.pdbx_seq_one_letter_code
;SMHAIEVTETGGPGVLRHVDQPQPQPGHGELLIKAEAIGVNFIDTYFRSGQYPRELPFVIGSEVCGTVEAVGPGVTAADT
AISVGDRVVSASANGAYAEFCTAPASLTAKVPDDVTSEVAASALLKGLTAHYLLKSVYPVKRGDTVLVHAGAGGVGLILT
QWATHLGVRVITTVSTAEKAKLSKDAGADVVLDYPEDAWQFAGRVRELTGGTGVQAVYDGVGATTFDASLASLAVRGTLA
LFGAASGPVPPVDPQRLNAAGSVYLTRPSLFHFTRTGEEFSWRAAELFDAIGNEAITVAVGGRYPLADALRAHQDLEARK
TVGSVVLLP
;
_entity_poly.pdbx_strand_id   A,B
#
# COMPACT_ATOMS: atom_id res chain seq x y z
N SER A 1 33.86 31.32 -21.67
CA SER A 1 32.61 32.05 -21.44
C SER A 1 31.49 31.48 -22.31
N MET A 2 30.25 31.53 -21.83
CA MET A 2 29.12 30.94 -22.55
C MET A 2 27.87 31.77 -22.36
N HIS A 3 26.84 31.49 -23.15
CA HIS A 3 25.55 32.13 -22.96
C HIS A 3 24.77 31.35 -21.89
N ALA A 4 24.05 32.07 -21.04
CA ALA A 4 23.19 31.43 -20.03
C ALA A 4 22.03 32.35 -19.69
N ILE A 5 21.03 31.81 -19.01
CA ILE A 5 19.91 32.61 -18.51
C ILE A 5 20.05 32.62 -17.00
N GLU A 6 20.31 33.79 -16.43
CA GLU A 6 20.63 33.88 -15.01
C GLU A 6 19.58 34.72 -14.27
N VAL A 7 19.22 34.27 -13.08
CA VAL A 7 18.28 34.95 -12.21
C VAL A 7 19.04 35.49 -11.01
N THR A 8 19.03 36.81 -10.85
CA THR A 8 19.72 37.44 -9.72
C THR A 8 18.69 37.93 -8.69
N GLU A 9 17.47 38.19 -9.15
CA GLU A 9 16.35 38.49 -8.28
C GLU A 9 15.15 37.66 -8.72
N THR A 10 14.36 37.16 -7.78
CA THR A 10 13.16 36.41 -8.14
C THR A 10 12.03 37.36 -8.57
N GLY A 11 11.05 36.83 -9.29
CA GLY A 11 9.97 37.62 -9.85
C GLY A 11 9.38 37.02 -11.11
N GLY A 12 8.82 37.87 -11.96
CA GLY A 12 8.19 37.42 -13.20
C GLY A 12 9.19 37.07 -14.27
N PRO A 13 8.70 36.71 -15.48
CA PRO A 13 9.57 36.37 -16.61
C PRO A 13 10.63 37.44 -16.86
N GLY A 14 10.32 38.70 -16.51
CA GLY A 14 11.26 39.79 -16.69
C GLY A 14 12.57 39.70 -15.92
N VAL A 15 12.68 38.79 -14.95
CA VAL A 15 13.95 38.65 -14.23
C VAL A 15 14.95 37.72 -14.95
N LEU A 16 14.48 37.02 -15.98
CA LEU A 16 15.35 36.15 -16.75
C LEU A 16 16.29 37.01 -17.58
N ARG A 17 17.60 36.91 -17.32
CA ARG A 17 18.57 37.72 -18.05
C ARG A 17 19.50 36.83 -18.87
N HIS A 18 19.58 37.13 -20.17
CA HIS A 18 20.50 36.42 -21.06
C HIS A 18 21.88 37.04 -20.84
N VAL A 19 22.83 36.25 -20.32
CA VAL A 19 24.13 36.78 -19.90
C VAL A 19 25.32 36.03 -20.49
N ASP A 20 26.50 36.65 -20.39
CA ASP A 20 27.75 35.92 -20.54
C ASP A 20 28.08 35.34 -19.18
N GLN A 21 28.41 34.06 -19.16
CA GLN A 21 28.60 33.32 -17.91
C GLN A 21 29.84 32.45 -18.02
N PRO A 22 30.61 32.29 -16.93
CA PRO A 22 31.75 31.37 -16.98
C PRO A 22 31.29 29.97 -17.34
N GLN A 23 32.10 29.23 -18.09
CA GLN A 23 31.75 27.83 -18.35
C GLN A 23 31.89 27.08 -17.04
N PRO A 24 30.90 26.24 -16.71
CA PRO A 24 30.93 25.51 -15.43
C PRO A 24 32.00 24.43 -15.40
N GLN A 25 32.45 24.07 -14.21
CA GLN A 25 33.35 22.94 -14.03
C GLN A 25 32.64 21.87 -13.22
N PRO A 26 32.76 20.60 -13.64
CA PRO A 26 32.03 19.57 -12.89
C PRO A 26 32.70 19.28 -11.56
N GLY A 27 31.91 19.24 -10.49
CA GLY A 27 32.41 18.95 -9.16
C GLY A 27 32.35 17.46 -8.89
N HIS A 28 32.44 17.08 -7.62
CA HIS A 28 32.47 15.65 -7.26
C HIS A 28 31.21 14.91 -7.71
N GLY A 29 31.42 13.83 -8.47
CA GLY A 29 30.31 13.01 -8.91
C GLY A 29 29.51 13.57 -10.07
N GLU A 30 30.00 14.65 -10.68
CA GLU A 30 29.23 15.37 -11.70
C GLU A 30 29.75 15.21 -13.13
N LEU A 31 28.86 15.40 -14.09
CA LEU A 31 29.23 15.41 -15.51
C LEU A 31 29.14 16.84 -16.02
N LEU A 32 30.00 17.19 -16.97
CA LEU A 32 29.84 18.45 -17.69
C LEU A 32 29.14 18.16 -19.01
N ILE A 33 27.99 18.78 -19.23
CA ILE A 33 27.15 18.50 -20.40
C ILE A 33 27.08 19.72 -21.31
N LYS A 34 27.35 19.50 -22.59
CA LYS A 34 27.13 20.52 -23.60
C LYS A 34 25.70 20.33 -24.09
N ALA A 35 24.84 21.29 -23.83
CA ALA A 35 23.41 21.14 -24.09
C ALA A 35 23.05 21.08 -25.56
N GLU A 36 22.10 20.21 -25.89
CA GLU A 36 21.49 20.19 -27.22
C GLU A 36 20.03 20.61 -27.14
N ALA A 37 19.36 20.25 -26.06
CA ALA A 37 17.96 20.62 -25.88
C ALA A 37 17.70 20.82 -24.40
N ILE A 38 16.96 21.88 -24.07
CA ILE A 38 16.72 22.26 -22.68
C ILE A 38 15.23 22.24 -22.40
N GLY A 39 14.83 21.55 -21.33
CA GLY A 39 13.43 21.48 -20.98
C GLY A 39 12.94 22.76 -20.33
N VAL A 40 11.74 23.17 -20.67
CA VAL A 40 11.10 24.31 -20.01
C VAL A 40 9.85 23.79 -19.30
N ASN A 41 9.77 23.99 -17.99
CA ASN A 41 8.67 23.42 -17.21
C ASN A 41 8.19 24.37 -16.12
N PHE A 42 7.02 24.06 -15.55
CA PHE A 42 6.45 24.95 -14.56
C PHE A 42 7.30 25.08 -13.30
N ILE A 43 8.00 24.02 -12.93
CA ILE A 43 8.88 24.07 -11.77
C ILE A 43 9.93 25.17 -11.94
N ASP A 44 10.40 25.38 -13.18
CA ASP A 44 11.34 26.47 -13.46
C ASP A 44 10.71 27.79 -13.05
N THR A 45 9.42 27.97 -13.34
CA THR A 45 8.77 29.24 -13.00
C THR A 45 8.64 29.43 -11.50
N TYR A 46 8.55 28.34 -10.74
CA TYR A 46 8.42 28.46 -9.29
C TYR A 46 9.74 28.89 -8.66
N PHE A 47 10.86 28.39 -9.20
CA PHE A 47 12.17 28.86 -8.73
C PHE A 47 12.40 30.30 -9.17
N ARG A 48 12.02 30.61 -10.40
CA ARG A 48 12.15 31.96 -10.92
C ARG A 48 11.38 32.97 -10.09
N SER A 49 10.19 32.60 -9.65
CA SER A 49 9.33 33.53 -8.91
C SER A 49 9.70 33.58 -7.44
N GLY A 50 10.49 32.62 -6.97
CA GLY A 50 10.86 32.57 -5.56
C GLY A 50 9.87 31.76 -4.73
N GLN A 51 8.85 31.21 -5.39
CA GLN A 51 7.90 30.34 -4.70
C GLN A 51 8.63 29.14 -4.11
N TYR A 52 9.57 28.58 -4.88
CA TYR A 52 10.52 27.63 -4.34
C TYR A 52 11.83 28.38 -4.15
N PRO A 53 12.34 28.44 -2.91
CA PRO A 53 13.54 29.20 -2.61
C PRO A 53 14.81 28.48 -3.03
N ARG A 54 15.82 29.24 -3.47
CA ARG A 54 17.16 28.72 -3.68
C ARG A 54 18.15 29.86 -3.67
N GLU A 55 19.43 29.52 -3.54
CA GLU A 55 20.50 30.51 -3.50
C GLU A 55 20.52 31.35 -4.78
N LEU A 56 20.54 32.67 -4.62
CA LEU A 56 20.67 33.62 -5.73
C LEU A 56 22.12 34.11 -5.79
N PRO A 57 22.62 34.41 -6.98
CA PRO A 57 22.07 34.20 -8.31
C PRO A 57 22.14 32.73 -8.65
N PHE A 58 21.34 32.31 -9.63
CA PHE A 58 21.46 30.96 -10.15
C PHE A 58 21.15 30.99 -11.63
N VAL A 59 21.70 30.04 -12.37
CA VAL A 59 21.29 29.83 -13.74
C VAL A 59 20.12 28.87 -13.66
N ILE A 60 19.01 29.24 -14.29
CA ILE A 60 17.74 28.53 -14.13
C ILE A 60 17.70 27.20 -14.92
N GLY A 61 16.87 26.24 -14.47
CA GLY A 61 16.59 25.04 -15.24
C GLY A 61 17.30 23.80 -14.74
N SER A 62 16.64 22.64 -14.85
CA SER A 62 17.23 21.40 -14.37
C SER A 62 17.15 20.27 -15.39
N GLU A 63 16.47 20.53 -16.50
CA GLU A 63 16.25 19.49 -17.51
C GLU A 63 17.08 19.74 -18.77
N VAL A 64 17.93 18.79 -19.12
CA VAL A 64 18.82 18.98 -20.26
C VAL A 64 19.17 17.65 -20.91
N CYS A 65 19.29 17.68 -22.24
CA CYS A 65 19.90 16.59 -22.98
C CYS A 65 21.06 17.16 -23.77
N GLY A 66 22.20 16.49 -23.74
CA GLY A 66 23.35 16.94 -24.49
C GLY A 66 24.46 15.92 -24.44
N THR A 67 25.67 16.33 -24.79
CA THR A 67 26.79 15.40 -24.81
C THR A 67 27.71 15.65 -23.62
N VAL A 68 28.32 14.57 -23.13
CA VAL A 68 29.25 14.69 -22.01
C VAL A 68 30.59 15.25 -22.51
N GLU A 69 30.92 16.45 -22.05
CA GLU A 69 32.17 17.14 -22.40
C GLU A 69 33.32 16.69 -21.51
N ALA A 70 33.01 16.46 -20.23
CA ALA A 70 34.03 16.13 -19.25
C ALA A 70 33.37 15.51 -18.03
N VAL A 71 34.17 14.84 -17.20
CA VAL A 71 33.65 14.31 -15.94
C VAL A 71 34.42 14.92 -14.77
N GLY A 72 33.74 15.06 -13.64
CA GLY A 72 34.35 15.62 -12.45
C GLY A 72 35.12 14.54 -11.70
N PRO A 73 35.78 14.93 -10.61
CA PRO A 73 36.44 13.92 -9.78
C PRO A 73 35.37 13.02 -9.16
N GLY A 74 35.73 11.79 -8.81
CA GLY A 74 34.77 10.89 -8.22
C GLY A 74 33.82 10.21 -9.19
N VAL A 75 34.00 10.48 -10.49
CA VAL A 75 33.18 9.83 -11.52
C VAL A 75 34.02 8.76 -12.20
N THR A 76 33.73 7.50 -11.92
CA THR A 76 34.56 6.40 -12.45
C THR A 76 33.69 5.41 -13.19
N ALA A 77 34.32 4.64 -14.08
CA ALA A 77 33.58 3.65 -14.85
C ALA A 77 33.02 2.53 -13.97
N ALA A 78 33.52 2.40 -12.74
CA ALA A 78 33.00 1.40 -11.80
C ALA A 78 31.57 1.72 -11.39
N ASP A 79 31.24 3.01 -11.43
CA ASP A 79 29.97 3.48 -10.90
C ASP A 79 28.96 3.83 -11.99
N THR A 80 29.45 4.26 -13.14
CA THR A 80 28.59 4.68 -14.24
C THR A 80 29.06 4.20 -15.61
N ALA A 81 28.11 3.85 -16.47
CA ALA A 81 28.41 3.48 -17.85
C ALA A 81 28.70 4.70 -18.71
N ILE A 82 28.39 5.88 -18.17
CA ILE A 82 28.52 7.13 -18.93
C ILE A 82 29.97 7.53 -19.17
N SER A 83 30.29 7.87 -20.41
CA SER A 83 31.66 8.25 -20.81
C SER A 83 31.62 9.56 -21.58
N VAL A 84 32.74 10.28 -21.62
CA VAL A 84 32.85 11.48 -22.43
C VAL A 84 32.40 11.20 -23.87
N GLY A 85 31.58 12.08 -24.44
CA GLY A 85 31.08 11.89 -25.79
C GLY A 85 29.68 11.33 -25.86
N ASP A 86 29.22 10.68 -24.80
CA ASP A 86 27.87 10.10 -24.77
C ASP A 86 26.77 11.15 -24.76
N ARG A 87 25.69 10.89 -25.50
CA ARG A 87 24.48 11.70 -25.39
C ARG A 87 23.75 11.26 -24.12
N VAL A 88 23.45 12.22 -23.24
CA VAL A 88 22.85 11.91 -21.95
C VAL A 88 21.72 12.88 -21.64
N VAL A 89 20.92 12.55 -20.63
CA VAL A 89 19.84 13.44 -20.20
C VAL A 89 19.72 13.41 -18.69
N SER A 90 19.38 14.56 -18.11
CA SER A 90 19.16 14.61 -16.66
C SER A 90 18.06 15.60 -16.35
N ALA A 91 17.34 15.34 -15.27
CA ALA A 91 16.35 16.27 -14.76
C ALA A 91 16.83 16.83 -13.42
N SER A 92 18.12 16.62 -13.13
CA SER A 92 18.75 17.09 -11.91
C SER A 92 19.97 17.95 -12.21
N ALA A 93 19.97 18.63 -13.36
CA ALA A 93 21.09 19.47 -13.73
C ALA A 93 21.08 20.77 -12.93
N ASN A 94 22.26 21.35 -12.77
CA ASN A 94 22.34 22.71 -12.26
C ASN A 94 22.62 23.66 -13.41
N GLY A 95 21.74 24.63 -13.60
CA GLY A 95 21.95 25.65 -14.62
C GLY A 95 21.71 25.18 -16.05
N ALA A 96 20.62 24.46 -16.27
CA ALA A 96 20.32 23.90 -17.58
C ALA A 96 20.13 24.91 -18.72
N TYR A 97 19.58 26.09 -18.42
CA TYR A 97 19.38 27.10 -19.47
C TYR A 97 20.73 27.74 -19.81
N ALA A 98 21.60 26.98 -20.46
CA ALA A 98 22.93 27.48 -20.78
C ALA A 98 23.52 26.60 -21.87
N GLU A 99 24.62 27.03 -22.47
CA GLU A 99 25.32 26.19 -23.43
C GLU A 99 25.95 24.96 -22.78
N PHE A 100 26.38 25.12 -21.53
CA PHE A 100 26.96 24.01 -20.75
C PHE A 100 26.39 24.01 -19.34
N CYS A 101 26.24 22.83 -18.76
CA CYS A 101 25.77 22.74 -17.37
C CYS A 101 26.36 21.50 -16.71
N THR A 102 26.05 21.29 -15.44
CA THR A 102 26.53 20.11 -14.72
C THR A 102 25.38 19.27 -14.21
N ALA A 103 25.62 17.98 -14.00
CA ALA A 103 24.60 17.13 -13.38
C ALA A 103 25.28 15.96 -12.71
N PRO A 104 24.68 15.46 -11.62
CA PRO A 104 25.24 14.28 -10.96
C PRO A 104 25.12 13.09 -11.89
N ALA A 105 26.19 12.32 -12.05
CA ALA A 105 26.16 11.17 -12.95
C ALA A 105 25.11 10.15 -12.52
N SER A 106 24.90 10.04 -11.21
CA SER A 106 23.97 9.04 -10.65
C SER A 106 22.51 9.41 -10.94
N LEU A 107 22.27 10.63 -11.42
CA LEU A 107 20.93 11.07 -11.82
C LEU A 107 20.95 11.55 -13.27
N THR A 108 21.82 10.95 -14.07
CA THR A 108 21.88 11.22 -15.50
C THR A 108 21.79 9.89 -16.24
N ALA A 109 21.14 9.87 -17.40
CA ALA A 109 20.96 8.62 -18.12
C ALA A 109 21.43 8.76 -19.56
N LYS A 110 21.87 7.66 -20.15
CA LYS A 110 22.21 7.65 -21.57
C LYS A 110 20.95 7.77 -22.42
N VAL A 111 21.07 8.40 -23.57
CA VAL A 111 19.95 8.49 -24.50
C VAL A 111 20.31 7.62 -25.71
N PRO A 112 19.43 6.67 -26.06
CA PRO A 112 19.71 5.79 -27.21
C PRO A 112 19.77 6.60 -28.50
N ASP A 113 20.44 6.08 -29.52
CA ASP A 113 20.59 6.79 -30.80
C ASP A 113 19.26 7.13 -31.46
N ASP A 114 18.24 6.32 -31.19
CA ASP A 114 16.93 6.49 -31.84
C ASP A 114 15.95 7.38 -31.07
N VAL A 115 16.44 8.11 -30.09
CA VAL A 115 15.63 9.10 -29.37
C VAL A 115 16.27 10.47 -29.52
N THR A 116 15.50 11.48 -29.93
CA THR A 116 16.07 12.80 -30.16
C THR A 116 16.30 13.54 -28.86
N SER A 117 17.14 14.56 -28.90
CA SER A 117 17.50 15.32 -27.71
C SER A 117 16.30 16.07 -27.15
N GLU A 118 15.47 16.61 -28.04
CA GLU A 118 14.29 17.37 -27.63
C GLU A 118 13.29 16.48 -26.91
N VAL A 119 13.10 15.28 -27.42
CA VAL A 119 12.19 14.32 -26.78
C VAL A 119 12.76 13.86 -25.45
N ALA A 120 14.04 13.51 -25.41
CA ALA A 120 14.69 13.12 -24.16
C ALA A 120 14.53 14.18 -23.07
N ALA A 121 14.82 15.43 -23.39
CA ALA A 121 14.74 16.49 -22.38
C ALA A 121 13.30 16.73 -21.91
N SER A 122 12.36 16.55 -22.83
CA SER A 122 10.93 16.73 -22.54
C SER A 122 10.32 15.56 -21.79
N ALA A 123 10.93 14.39 -21.89
CA ALA A 123 10.26 13.18 -21.46
C ALA A 123 10.80 12.58 -20.17
N LEU A 124 12.04 12.92 -19.81
CA LEU A 124 12.71 12.17 -18.74
C LEU A 124 11.94 12.21 -17.42
N LEU A 125 11.67 13.41 -16.92
CA LEU A 125 11.04 13.52 -15.59
C LEU A 125 9.66 12.88 -15.57
N LYS A 126 8.81 13.23 -16.52
CA LYS A 126 7.46 12.66 -16.61
C LYS A 126 7.56 11.16 -16.79
N GLY A 127 8.56 10.72 -17.55
CA GLY A 127 8.71 9.32 -17.90
C GLY A 127 9.19 8.45 -16.75
N LEU A 128 10.15 8.96 -15.98
CA LEU A 128 10.60 8.24 -14.79
C LEU A 128 9.47 8.16 -13.80
N THR A 129 8.70 9.23 -13.70
CA THR A 129 7.53 9.23 -12.81
C THR A 129 6.53 8.16 -13.24
N ALA A 130 6.20 8.11 -14.53
CA ALA A 130 5.30 7.08 -15.00
C ALA A 130 5.90 5.70 -14.77
N HIS A 131 7.22 5.56 -14.92
CA HIS A 131 7.85 4.25 -14.77
C HIS A 131 7.67 3.75 -13.33
N TYR A 132 8.01 4.56 -12.35
CA TYR A 132 7.91 4.08 -10.97
C TYR A 132 6.45 3.81 -10.55
N LEU A 133 5.52 4.64 -11.04
CA LEU A 133 4.11 4.44 -10.75
C LEU A 133 3.59 3.11 -11.29
N LEU A 134 4.04 2.75 -12.49
CA LEU A 134 3.54 1.55 -13.19
C LEU A 134 4.32 0.28 -12.90
N LYS A 135 5.58 0.41 -12.48
CA LYS A 135 6.41 -0.77 -12.29
C LYS A 135 6.72 -1.06 -10.83
N SER A 136 6.61 -0.03 -9.99
CA SER A 136 7.03 -0.17 -8.60
C SER A 136 5.91 0.07 -7.57
N VAL A 137 5.25 1.22 -7.66
CA VAL A 137 4.20 1.56 -6.71
C VAL A 137 3.02 0.60 -6.79
N TYR A 138 2.47 0.44 -7.98
CA TYR A 138 1.59 -0.68 -8.25
C TYR A 138 2.02 -1.30 -9.57
N PRO A 139 2.58 -2.54 -9.52
CA PRO A 139 3.09 -3.16 -10.75
C PRO A 139 1.92 -3.61 -11.61
N VAL A 140 1.61 -2.85 -12.65
CA VAL A 140 0.47 -3.20 -13.48
C VAL A 140 0.74 -4.49 -14.20
N LYS A 141 -0.32 -5.25 -14.46
CA LYS A 141 -0.20 -6.47 -15.25
C LYS A 141 -1.24 -6.52 -16.35
N ARG A 142 -0.97 -7.31 -17.38
CA ARG A 142 -1.92 -7.44 -18.50
C ARG A 142 -3.29 -7.85 -17.96
N GLY A 143 -4.33 -7.13 -18.38
CA GLY A 143 -5.68 -7.44 -17.92
C GLY A 143 -6.21 -6.52 -16.84
N ASP A 144 -5.32 -5.77 -16.20
CA ASP A 144 -5.74 -4.77 -15.22
C ASP A 144 -6.51 -3.63 -15.88
N THR A 145 -7.28 -2.89 -15.08
CA THR A 145 -7.84 -1.62 -15.49
C THR A 145 -7.38 -0.59 -14.47
N VAL A 146 -6.94 0.58 -14.92
CA VAL A 146 -6.53 1.62 -13.98
C VAL A 146 -7.19 2.93 -14.31
N LEU A 147 -7.26 3.80 -13.31
CA LEU A 147 -7.83 5.12 -13.47
C LEU A 147 -6.70 6.14 -13.39
N VAL A 148 -6.58 6.97 -14.42
CA VAL A 148 -5.54 8.01 -14.43
C VAL A 148 -6.19 9.38 -14.50
N HIS A 149 -6.05 10.19 -13.45
CA HIS A 149 -6.63 11.52 -13.49
C HIS A 149 -5.78 12.46 -14.33
N ALA A 150 -6.39 13.53 -14.85
CA ALA A 150 -5.68 14.50 -15.69
C ALA A 150 -5.00 13.82 -16.87
N GLY A 151 -5.81 13.13 -17.68
CA GLY A 151 -5.28 12.29 -18.75
C GLY A 151 -4.47 13.02 -19.81
N ALA A 152 -4.71 14.32 -19.94
CA ALA A 152 -4.00 15.09 -20.97
C ALA A 152 -2.78 15.84 -20.45
N GLY A 153 -2.48 15.69 -19.15
CA GLY A 153 -1.27 16.28 -18.60
C GLY A 153 -0.04 15.47 -18.94
N GLY A 154 1.14 16.03 -18.67
CA GLY A 154 2.40 15.38 -19.02
C GLY A 154 2.54 13.94 -18.55
N VAL A 155 2.36 13.72 -17.25
CA VAL A 155 2.49 12.37 -16.69
C VAL A 155 1.29 11.51 -17.09
N GLY A 156 0.11 12.10 -17.09
CA GLY A 156 -1.09 11.37 -17.43
C GLY A 156 -1.00 10.77 -18.83
N LEU A 157 -0.47 11.54 -19.77
CA LEU A 157 -0.34 11.07 -21.15
C LEU A 157 0.61 9.88 -21.22
N ILE A 158 1.73 9.97 -20.51
CA ILE A 158 2.68 8.88 -20.54
C ILE A 158 2.15 7.67 -19.79
N LEU A 159 1.52 7.91 -18.64
CA LEU A 159 0.91 6.80 -17.89
C LEU A 159 -0.06 6.06 -18.79
N THR A 160 -0.88 6.80 -19.52
CA THR A 160 -1.90 6.18 -20.37
C THR A 160 -1.29 5.34 -21.50
N GLN A 161 -0.32 5.90 -22.22
CA GLN A 161 0.30 5.18 -23.34
C GLN A 161 1.07 3.97 -22.85
N TRP A 162 1.84 4.14 -21.77
CA TRP A 162 2.65 3.05 -21.26
C TRP A 162 1.79 1.92 -20.73
N ALA A 163 0.78 2.26 -19.94
CA ALA A 163 -0.10 1.22 -19.37
C ALA A 163 -0.80 0.47 -20.50
N THR A 164 -1.25 1.20 -21.51
CA THR A 164 -1.93 0.55 -22.65
C THR A 164 -0.98 -0.42 -23.35
N HIS A 165 0.25 0.03 -23.57
CA HIS A 165 1.27 -0.84 -24.16
C HIS A 165 1.52 -2.11 -23.32
N LEU A 166 1.35 -2.02 -22.01
CA LEU A 166 1.55 -3.17 -21.12
C LEU A 166 0.29 -4.02 -21.01
N GLY A 167 -0.73 -3.71 -21.82
CA GLY A 167 -1.96 -4.48 -21.83
C GLY A 167 -2.97 -4.11 -20.75
N VAL A 168 -2.88 -2.88 -20.28
CA VAL A 168 -3.77 -2.39 -19.24
C VAL A 168 -4.82 -1.47 -19.83
N ARG A 169 -6.07 -1.61 -19.38
CA ARG A 169 -7.15 -0.75 -19.83
C ARG A 169 -7.12 0.52 -18.99
N VAL A 170 -7.11 1.68 -19.64
CA VAL A 170 -6.99 2.94 -18.91
C VAL A 170 -8.25 3.78 -19.02
N ILE A 171 -8.76 4.23 -17.87
CA ILE A 171 -9.87 5.18 -17.81
C ILE A 171 -9.26 6.49 -17.35
N THR A 172 -9.62 7.61 -17.98
CA THR A 172 -9.02 8.88 -17.57
C THR A 172 -10.10 9.92 -17.25
N THR A 173 -9.65 11.01 -16.63
CA THR A 173 -10.49 12.19 -16.45
C THR A 173 -9.81 13.40 -17.10
N VAL A 174 -10.58 14.23 -17.81
CA VAL A 174 -10.08 15.49 -18.34
C VAL A 174 -11.16 16.54 -18.23
N SER A 175 -10.81 17.81 -18.46
CA SER A 175 -11.74 18.90 -18.22
C SER A 175 -12.35 19.48 -19.49
N THR A 176 -11.76 19.17 -20.65
CA THR A 176 -12.24 19.72 -21.92
C THR A 176 -12.29 18.70 -23.03
N ALA A 177 -13.04 19.02 -24.09
CA ALA A 177 -13.15 18.18 -25.26
C ALA A 177 -11.82 18.01 -25.97
N GLU A 178 -11.05 19.10 -26.03
CA GLU A 178 -9.73 19.06 -26.67
C GLU A 178 -8.82 18.10 -25.91
N LYS A 179 -8.85 18.18 -24.59
CA LYS A 179 -8.06 17.28 -23.76
C LYS A 179 -8.57 15.83 -23.86
N ALA A 180 -9.88 15.68 -24.03
CA ALA A 180 -10.47 14.35 -24.20
C ALA A 180 -9.91 13.67 -25.45
N LYS A 181 -9.72 14.45 -26.52
CA LYS A 181 -9.18 13.88 -27.74
C LYS A 181 -7.71 13.48 -27.53
N LEU A 182 -6.96 14.33 -26.84
CA LEU A 182 -5.55 14.04 -26.56
C LEU A 182 -5.43 12.77 -25.73
N SER A 183 -6.33 12.59 -24.78
CA SER A 183 -6.29 11.43 -23.89
C SER A 183 -6.67 10.16 -24.64
N LYS A 184 -7.72 10.24 -25.46
CA LYS A 184 -8.11 9.12 -26.33
C LYS A 184 -6.95 8.72 -27.25
N ASP A 185 -6.26 9.71 -27.81
CA ASP A 185 -5.17 9.44 -28.74
C ASP A 185 -3.95 8.81 -28.04
N ALA A 186 -3.86 9.01 -26.74
CA ALA A 186 -2.80 8.41 -25.93
C ALA A 186 -3.16 7.00 -25.51
N GLY A 187 -4.41 6.59 -25.74
CA GLY A 187 -4.78 5.20 -25.53
C GLY A 187 -5.88 4.96 -24.52
N ALA A 188 -6.46 6.04 -23.99
CA ALA A 188 -7.54 5.89 -23.01
C ALA A 188 -8.70 5.13 -23.62
N ASP A 189 -9.17 4.09 -22.93
CA ASP A 189 -10.32 3.34 -23.44
C ASP A 189 -11.61 4.08 -23.14
N VAL A 190 -11.65 4.78 -22.01
CA VAL A 190 -12.79 5.63 -21.68
C VAL A 190 -12.30 6.94 -21.11
N VAL A 191 -12.87 8.05 -21.59
CA VAL A 191 -12.52 9.36 -21.04
C VAL A 191 -13.73 9.92 -20.29
N LEU A 192 -13.53 10.29 -19.03
CA LEU A 192 -14.63 10.76 -18.20
C LEU A 192 -14.43 12.21 -17.82
N ASP A 193 -15.55 12.85 -17.47
CA ASP A 193 -15.54 14.16 -16.86
C ASP A 193 -14.94 14.00 -15.46
N TYR A 194 -14.33 15.06 -14.91
CA TYR A 194 -13.91 15.06 -13.51
C TYR A 194 -15.11 14.81 -12.62
N PRO A 195 -14.89 14.16 -11.46
CA PRO A 195 -16.01 13.81 -10.57
C PRO A 195 -16.71 15.02 -9.95
N GLU A 196 -18.05 14.96 -9.93
CA GLU A 196 -18.84 15.97 -9.25
C GLU A 196 -19.21 15.48 -7.86
N ASP A 197 -19.29 14.17 -7.72
CA ASP A 197 -19.72 13.54 -6.48
C ASP A 197 -19.02 12.19 -6.43
N ALA A 198 -18.41 11.86 -5.29
CA ALA A 198 -17.54 10.68 -5.21
C ALA A 198 -18.28 9.37 -5.49
N TRP A 199 -19.45 9.21 -4.91
CA TRP A 199 -20.19 7.94 -5.07
C TRP A 199 -20.79 7.80 -6.47
N GLN A 200 -21.26 8.91 -7.05
CA GLN A 200 -21.74 8.90 -8.42
C GLN A 200 -20.62 8.52 -9.40
N PHE A 201 -19.46 9.14 -9.24
CA PHE A 201 -18.33 8.85 -10.09
C PHE A 201 -17.88 7.40 -9.91
N ALA A 202 -17.77 6.96 -8.66
CA ALA A 202 -17.36 5.57 -8.40
C ALA A 202 -18.35 4.58 -9.01
N GLY A 203 -19.64 4.89 -8.93
CA GLY A 203 -20.66 4.05 -9.53
C GLY A 203 -20.46 3.93 -11.03
N ARG A 204 -20.05 5.02 -11.64
CA ARG A 204 -19.74 5.04 -13.08
C ARG A 204 -18.53 4.16 -13.38
N VAL A 205 -17.49 4.28 -12.57
CA VAL A 205 -16.30 3.45 -12.77
C VAL A 205 -16.61 1.96 -12.55
N ARG A 206 -17.42 1.65 -11.55
CA ARG A 206 -17.77 0.25 -11.31
C ARG A 206 -18.59 -0.34 -12.45
N GLU A 207 -19.45 0.47 -13.06
CA GLU A 207 -20.21 0.00 -14.23
C GLU A 207 -19.30 -0.32 -15.41
N LEU A 208 -18.28 0.51 -15.61
CA LEU A 208 -17.31 0.28 -16.68
C LEU A 208 -16.46 -0.96 -16.45
N THR A 209 -16.30 -1.36 -15.17
CA THR A 209 -15.41 -2.46 -14.83
C THR A 209 -16.17 -3.71 -14.38
N GLY A 210 -17.44 -3.81 -14.77
CA GLY A 210 -18.23 -4.99 -14.43
C GLY A 210 -18.43 -5.15 -12.94
N GLY A 211 -18.47 -4.04 -12.22
CA GLY A 211 -18.75 -4.03 -10.79
C GLY A 211 -17.50 -4.13 -9.93
N THR A 212 -16.36 -4.36 -10.57
CA THR A 212 -15.13 -4.66 -9.84
C THR A 212 -14.46 -3.42 -9.25
N GLY A 213 -14.44 -2.33 -10.02
CA GLY A 213 -13.60 -1.19 -9.66
C GLY A 213 -12.26 -1.38 -10.33
N VAL A 214 -11.38 -0.39 -10.20
CA VAL A 214 -10.06 -0.45 -10.85
C VAL A 214 -9.01 -1.01 -9.90
N GLN A 215 -8.01 -1.69 -10.48
CA GLN A 215 -6.90 -2.23 -9.69
C GLN A 215 -6.02 -1.14 -9.07
N ALA A 216 -5.95 0.01 -9.72
CA ALA A 216 -5.19 1.14 -9.16
C ALA A 216 -5.72 2.47 -9.65
N VAL A 217 -5.54 3.50 -8.84
CA VAL A 217 -5.79 4.88 -9.28
C VAL A 217 -4.50 5.66 -9.18
N TYR A 218 -4.15 6.34 -10.27
CA TYR A 218 -3.01 7.24 -10.27
C TYR A 218 -3.56 8.65 -10.22
N ASP A 219 -3.43 9.26 -9.05
CA ASP A 219 -4.06 10.55 -8.76
C ASP A 219 -3.00 11.61 -8.54
N GLY A 220 -2.80 12.48 -9.52
CA GLY A 220 -1.87 13.59 -9.37
C GLY A 220 -2.60 14.89 -9.14
N VAL A 221 -3.92 14.81 -8.96
CA VAL A 221 -4.78 15.98 -8.81
C VAL A 221 -5.08 16.35 -7.35
N GLY A 222 -5.34 15.36 -6.51
CA GLY A 222 -5.45 15.60 -5.08
C GLY A 222 -6.84 16.00 -4.60
N ALA A 223 -6.96 17.23 -4.09
CA ALA A 223 -8.16 17.67 -3.37
C ALA A 223 -9.49 17.35 -4.04
N THR A 224 -9.60 17.68 -5.33
CA THR A 224 -10.88 17.57 -6.02
C THR A 224 -11.23 16.18 -6.50
N THR A 225 -10.26 15.27 -6.50
CA THR A 225 -10.48 13.94 -7.05
C THR A 225 -10.30 12.80 -6.04
N PHE A 226 -9.71 13.08 -4.89
CA PHE A 226 -9.29 12.01 -3.98
C PHE A 226 -10.44 11.14 -3.49
N ASP A 227 -11.55 11.75 -3.06
CA ASP A 227 -12.68 10.96 -2.54
C ASP A 227 -13.20 9.99 -3.61
N ALA A 228 -13.29 10.48 -4.85
CA ALA A 228 -13.75 9.66 -5.96
C ALA A 228 -12.74 8.54 -6.27
N SER A 229 -11.46 8.88 -6.23
CA SER A 229 -10.41 7.88 -6.43
C SER A 229 -10.54 6.74 -5.42
N LEU A 230 -10.70 7.09 -4.15
CA LEU A 230 -10.76 6.05 -3.11
C LEU A 230 -11.99 5.18 -3.30
N ALA A 231 -13.11 5.81 -3.67
CA ALA A 231 -14.36 5.08 -3.86
C ALA A 231 -14.42 4.18 -5.10
N SER A 232 -13.44 4.30 -6.00
CA SER A 232 -13.49 3.61 -7.29
C SER A 232 -12.66 2.33 -7.33
N LEU A 233 -11.99 2.01 -6.23
CA LEU A 233 -10.98 0.94 -6.20
C LEU A 233 -11.56 -0.46 -6.07
N ALA A 234 -10.94 -1.42 -6.77
CA ALA A 234 -11.22 -2.83 -6.56
C ALA A 234 -10.73 -3.23 -5.18
N VAL A 235 -11.25 -4.32 -4.63
CA VAL A 235 -10.79 -4.82 -3.33
C VAL A 235 -9.27 -4.99 -3.36
N ARG A 236 -8.61 -4.50 -2.30
CA ARG A 236 -7.15 -4.52 -2.18
C ARG A 236 -6.41 -3.74 -3.26
N GLY A 237 -7.10 -2.80 -3.91
CA GLY A 237 -6.48 -1.96 -4.93
C GLY A 237 -5.54 -0.92 -4.31
N THR A 238 -4.82 -0.20 -5.17
CA THR A 238 -3.83 0.78 -4.68
C THR A 238 -4.16 2.18 -5.18
N LEU A 239 -4.24 3.11 -4.23
CA LEU A 239 -4.42 4.52 -4.56
C LEU A 239 -3.06 5.18 -4.48
N ALA A 240 -2.49 5.50 -5.64
CA ALA A 240 -1.21 6.19 -5.70
C ALA A 240 -1.45 7.69 -5.86
N LEU A 241 -1.37 8.42 -4.74
CA LEU A 241 -1.54 9.86 -4.74
C LEU A 241 -0.18 10.49 -4.93
N PHE A 242 0.13 10.94 -6.15
CA PHE A 242 1.50 11.37 -6.43
C PHE A 242 1.60 12.87 -6.75
N GLY A 243 0.49 13.56 -6.62
CA GLY A 243 0.47 15.00 -6.88
C GLY A 243 -0.72 15.66 -6.23
N ALA A 244 -0.72 16.98 -6.21
CA ALA A 244 -1.81 17.74 -5.61
C ALA A 244 -2.08 18.99 -6.42
N ALA A 245 -2.29 18.82 -7.72
CA ALA A 245 -2.48 19.95 -8.64
C ALA A 245 -3.68 20.83 -8.28
N SER A 246 -4.72 20.22 -7.72
CA SER A 246 -5.93 20.97 -7.37
C SER A 246 -5.91 21.46 -5.92
N GLY A 247 -4.91 21.01 -5.17
CA GLY A 247 -4.81 21.35 -3.76
C GLY A 247 -4.58 20.13 -2.90
N PRO A 248 -4.23 20.35 -1.62
CA PRO A 248 -3.84 19.22 -0.77
C PRO A 248 -5.04 18.37 -0.38
N VAL A 249 -4.81 17.08 -0.19
CA VAL A 249 -5.85 16.17 0.29
C VAL A 249 -5.95 16.26 1.81
N PRO A 250 -7.16 16.51 2.33
CA PRO A 250 -7.39 16.57 3.79
C PRO A 250 -7.05 15.23 4.44
N PRO A 251 -6.63 15.27 5.72
CA PRO A 251 -6.27 14.04 6.45
C PRO A 251 -7.34 12.96 6.29
N VAL A 252 -6.88 11.72 6.09
CA VAL A 252 -7.73 10.62 5.70
C VAL A 252 -7.92 9.68 6.88
N ASP A 253 -9.17 9.53 7.32
CA ASP A 253 -9.53 8.53 8.33
C ASP A 253 -9.16 7.14 7.81
N PRO A 254 -8.24 6.44 8.50
CA PRO A 254 -7.83 5.10 8.02
C PRO A 254 -8.98 4.11 7.85
N GLN A 255 -10.06 4.24 8.63
CA GLN A 255 -11.20 3.36 8.41
C GLN A 255 -11.79 3.49 7.01
N ARG A 256 -11.59 4.65 6.37
CA ARG A 256 -12.06 4.81 4.98
C ARG A 256 -11.33 3.85 4.04
N LEU A 257 -10.09 3.51 4.38
CA LEU A 257 -9.34 2.55 3.57
C LEU A 257 -9.89 1.16 3.73
N ASN A 258 -10.41 0.84 4.91
CA ASN A 258 -11.05 -0.45 5.11
C ASN A 258 -12.37 -0.53 4.36
N ALA A 259 -13.24 0.45 4.56
CA ALA A 259 -14.54 0.50 3.90
C ALA A 259 -14.43 0.46 2.37
N ALA A 260 -13.37 1.07 1.84
CA ALA A 260 -13.15 1.11 0.40
C ALA A 260 -12.73 -0.24 -0.20
N GLY A 261 -12.39 -1.19 0.68
CA GLY A 261 -12.05 -2.54 0.27
C GLY A 261 -10.68 -3.05 0.72
N SER A 262 -10.27 -2.70 1.94
CA SER A 262 -8.92 -3.00 2.42
C SER A 262 -7.88 -2.56 1.40
N VAL A 263 -7.98 -1.30 0.98
CA VAL A 263 -7.11 -0.79 -0.08
C VAL A 263 -5.81 -0.27 0.49
N TYR A 264 -4.89 0.05 -0.41
CA TYR A 264 -3.63 0.65 -0.03
C TYR A 264 -3.66 2.10 -0.42
N LEU A 265 -3.14 2.96 0.44
CA LEU A 265 -2.92 4.36 0.10
C LEU A 265 -1.42 4.62 0.20
N THR A 266 -0.87 5.26 -0.83
CA THR A 266 0.53 5.63 -0.80
C THR A 266 0.70 7.03 -1.40
N ARG A 267 1.65 7.80 -0.90
CA ARG A 267 1.92 9.12 -1.46
C ARG A 267 3.39 9.16 -1.84
N PRO A 268 3.71 8.67 -3.04
CA PRO A 268 5.12 8.56 -3.41
C PRO A 268 5.67 9.87 -3.99
N SER A 269 6.99 9.97 -3.98
CA SER A 269 7.65 11.01 -4.76
C SER A 269 8.89 10.40 -5.40
N LEU A 270 9.33 11.00 -6.49
CA LEU A 270 10.38 10.42 -7.33
C LEU A 270 11.69 10.14 -6.59
N PHE A 271 12.01 10.99 -5.62
CA PHE A 271 13.21 10.85 -4.82
C PHE A 271 13.42 9.43 -4.29
N HIS A 272 12.33 8.79 -3.87
CA HIS A 272 12.44 7.47 -3.25
C HIS A 272 12.49 6.33 -4.27
N PHE A 273 12.49 6.70 -5.55
CA PHE A 273 12.56 5.71 -6.61
C PHE A 273 13.75 5.98 -7.55
N THR A 274 14.65 6.85 -7.12
CA THR A 274 15.86 7.14 -7.88
C THR A 274 17.04 7.16 -6.92
N ARG A 275 17.07 6.18 -6.02
CA ARG A 275 17.97 6.21 -4.85
C ARG A 275 19.43 5.90 -5.17
N THR A 276 19.67 5.18 -6.27
CA THR A 276 21.01 4.84 -6.72
C THR A 276 21.06 5.04 -8.22
N GLY A 277 22.27 5.13 -8.77
CA GLY A 277 22.44 5.26 -10.20
C GLY A 277 21.91 4.02 -10.91
N GLU A 278 22.05 2.87 -10.26
CA GLU A 278 21.56 1.63 -10.84
C GLU A 278 20.04 1.67 -11.01
N GLU A 279 19.33 2.14 -9.99
CA GLU A 279 17.88 2.25 -10.07
C GLU A 279 17.47 3.30 -11.11
N PHE A 280 18.13 4.44 -11.07
CA PHE A 280 17.86 5.51 -12.03
C PHE A 280 18.04 5.01 -13.47
N SER A 281 19.16 4.35 -13.72
CA SER A 281 19.47 3.91 -15.08
C SER A 281 18.49 2.86 -15.58
N TRP A 282 18.02 2.00 -14.69
CA TRP A 282 17.04 0.98 -15.04
C TRP A 282 15.73 1.61 -15.51
N ARG A 283 15.23 2.60 -14.76
CA ARG A 283 13.97 3.26 -15.11
C ARG A 283 14.12 4.00 -16.43
N ALA A 284 15.23 4.73 -16.56
CA ALA A 284 15.47 5.51 -17.77
C ALA A 284 15.62 4.62 -19.01
N ALA A 285 16.33 3.51 -18.85
CA ALA A 285 16.53 2.59 -19.97
C ALA A 285 15.20 2.03 -20.48
N GLU A 286 14.31 1.67 -19.54
CA GLU A 286 13.01 1.11 -19.95
C GLU A 286 12.16 2.19 -20.59
N LEU A 287 12.21 3.40 -20.04
CA LEU A 287 11.54 4.56 -20.66
C LEU A 287 12.00 4.78 -22.10
N PHE A 288 13.31 4.83 -22.31
CA PHE A 288 13.81 5.17 -23.65
C PHE A 288 13.72 4.01 -24.63
N ASP A 289 13.64 2.78 -24.12
CA ASP A 289 13.36 1.64 -25.00
C ASP A 289 11.95 1.80 -25.57
N ALA A 290 11.00 2.15 -24.70
CA ALA A 290 9.62 2.33 -25.11
C ALA A 290 9.44 3.53 -26.05
N ILE A 291 10.13 4.64 -25.77
CA ILE A 291 10.05 5.80 -26.67
C ILE A 291 10.68 5.42 -28.01
N GLY A 292 11.80 4.71 -27.95
CA GLY A 292 12.49 4.26 -29.15
C GLY A 292 11.61 3.38 -30.04
N ASN A 293 10.79 2.54 -29.41
CA ASN A 293 9.87 1.68 -30.14
C ASN A 293 8.56 2.38 -30.51
N GLU A 294 8.44 3.65 -30.15
CA GLU A 294 7.24 4.44 -30.42
C GLU A 294 6.01 3.90 -29.70
N ALA A 295 6.24 3.19 -28.60
CA ALA A 295 5.18 2.79 -27.69
C ALA A 295 4.78 4.00 -26.85
N ILE A 296 5.74 4.89 -26.61
CA ILE A 296 5.47 6.17 -25.95
C ILE A 296 5.93 7.29 -26.88
N THR A 297 5.07 8.29 -27.09
CA THR A 297 5.43 9.47 -27.89
C THR A 297 5.24 10.71 -27.02
N VAL A 298 6.13 11.68 -27.17
CA VAL A 298 6.02 12.92 -26.42
C VAL A 298 6.05 14.08 -27.40
N ALA A 299 4.95 14.80 -27.50
CA ALA A 299 4.83 15.90 -28.46
C ALA A 299 5.64 17.11 -28.00
N VAL A 300 6.47 17.65 -28.89
CA VAL A 300 7.14 18.92 -28.60
C VAL A 300 6.41 19.99 -29.41
N GLY A 301 5.80 20.95 -28.71
CA GLY A 301 4.99 21.95 -29.36
C GLY A 301 5.62 23.31 -29.52
N GLY A 302 6.76 23.53 -28.87
CA GLY A 302 7.39 24.84 -28.93
C GLY A 302 8.90 24.75 -28.85
N ARG A 303 9.58 25.32 -29.85
CA ARG A 303 11.05 25.32 -29.87
C ARG A 303 11.59 26.74 -29.97
N TYR A 304 12.24 27.18 -28.90
CA TYR A 304 12.75 28.54 -28.80
C TYR A 304 14.27 28.52 -28.75
N PRO A 305 14.93 29.54 -29.30
CA PRO A 305 16.36 29.67 -29.05
C PRO A 305 16.55 30.03 -27.59
N LEU A 306 17.70 29.66 -27.02
CA LEU A 306 17.99 29.89 -25.60
C LEU A 306 17.76 31.35 -25.19
N ALA A 307 18.10 32.27 -26.08
CA ALA A 307 17.99 33.70 -25.80
C ALA A 307 16.55 34.16 -25.53
N ASP A 308 15.58 33.38 -25.98
CA ASP A 308 14.18 33.75 -25.78
C ASP A 308 13.51 32.96 -24.67
N ALA A 309 14.28 32.65 -23.62
CA ALA A 309 13.73 31.97 -22.46
C ALA A 309 12.60 32.79 -21.83
N LEU A 310 12.74 34.12 -21.85
CA LEU A 310 11.70 34.99 -21.33
C LEU A 310 10.38 34.74 -22.05
N ARG A 311 10.43 34.73 -23.38
CA ARG A 311 9.24 34.48 -24.19
C ARG A 311 8.68 33.07 -23.96
N ALA A 312 9.56 32.09 -23.78
CA ALA A 312 9.09 30.73 -23.50
C ALA A 312 8.32 30.69 -22.18
N HIS A 313 8.84 31.35 -21.16
CA HIS A 313 8.14 31.43 -19.87
C HIS A 313 6.79 32.16 -19.96
N GLN A 314 6.74 33.24 -20.74
CA GLN A 314 5.47 33.94 -20.95
C GLN A 314 4.46 33.03 -21.63
N ASP A 315 4.88 32.37 -22.70
CA ASP A 315 3.99 31.49 -23.45
C ASP A 315 3.56 30.28 -22.59
N LEU A 316 4.46 29.77 -21.78
CA LEU A 316 4.16 28.67 -20.87
C LEU A 316 3.09 29.07 -19.84
N GLU A 317 3.27 30.23 -19.21
CA GLU A 317 2.32 30.66 -18.19
C GLU A 317 0.98 31.09 -18.80
N ALA A 318 0.99 31.44 -20.08
CA ALA A 318 -0.22 31.87 -20.76
C ALA A 318 -0.96 30.70 -21.41
N ARG A 319 -0.40 29.50 -21.29
CA ARG A 319 -0.94 28.28 -21.91
C ARG A 319 -1.10 28.45 -23.42
N LYS A 320 -0.09 29.05 -24.05
CA LYS A 320 -0.12 29.26 -25.50
C LYS A 320 0.55 28.08 -26.16
N THR A 321 0.97 27.14 -25.33
CA THR A 321 1.81 26.04 -25.73
C THR A 321 1.12 24.73 -25.44
N VAL A 322 0.71 23.99 -26.47
CA VAL A 322 0.28 22.62 -26.23
C VAL A 322 1.45 21.68 -26.55
N GLY A 323 1.71 20.74 -25.65
CA GLY A 323 2.88 19.88 -25.79
C GLY A 323 4.05 20.53 -25.09
N SER A 324 5.17 19.84 -25.08
CA SER A 324 6.34 20.29 -24.35
C SER A 324 7.02 21.47 -25.03
N VAL A 325 7.71 22.28 -24.22
CA VAL A 325 8.42 23.44 -24.73
C VAL A 325 9.91 23.20 -24.48
N VAL A 326 10.75 23.46 -25.47
CA VAL A 326 12.20 23.32 -25.27
C VAL A 326 12.96 24.57 -25.72
N LEU A 327 14.13 24.78 -25.13
CA LEU A 327 15.09 25.76 -25.62
C LEU A 327 16.22 25.04 -26.34
N LEU A 328 16.71 25.64 -27.43
CA LEU A 328 17.82 25.09 -28.18
C LEU A 328 18.96 26.11 -28.16
N PRO A 329 20.08 25.75 -27.51
CA PRO A 329 21.16 26.72 -27.28
C PRO A 329 22.15 26.84 -28.43
N SER B 1 -33.14 -32.64 20.75
CA SER B 1 -32.86 -31.59 21.73
C SER B 1 -31.40 -31.66 22.20
N MET B 2 -30.80 -30.50 22.50
CA MET B 2 -29.38 -30.46 22.86
C MET B 2 -29.14 -29.39 23.92
N HIS B 3 -27.97 -29.43 24.53
CA HIS B 3 -27.57 -28.39 25.46
C HIS B 3 -27.00 -27.21 24.66
N ALA B 4 -27.31 -25.99 25.09
CA ALA B 4 -26.77 -24.78 24.47
C ALA B 4 -26.72 -23.64 25.48
N ILE B 5 -26.02 -22.57 25.11
CA ILE B 5 -25.96 -21.36 25.94
C ILE B 5 -26.67 -20.28 25.16
N GLU B 6 -27.82 -19.82 25.67
CA GLU B 6 -28.66 -18.91 24.90
C GLU B 6 -28.77 -17.56 25.59
N VAL B 7 -28.73 -16.50 24.81
CA VAL B 7 -28.89 -15.14 25.29
C VAL B 7 -30.24 -14.60 24.81
N THR B 8 -31.11 -14.26 25.75
CA THR B 8 -32.42 -13.72 25.40
C THR B 8 -32.46 -12.22 25.67
N GLU B 9 -31.64 -11.78 26.61
CA GLU B 9 -31.42 -10.35 26.87
C GLU B 9 -29.92 -10.09 26.96
N THR B 10 -29.46 -8.94 26.45
CA THR B 10 -28.05 -8.60 26.54
C THR B 10 -27.72 -8.08 27.95
N GLY B 11 -26.44 -8.12 28.30
CA GLY B 11 -26.00 -7.73 29.62
C GLY B 11 -24.70 -8.42 30.02
N GLY B 12 -24.50 -8.60 31.32
CA GLY B 12 -23.29 -9.21 31.83
C GLY B 12 -23.29 -10.72 31.69
N PRO B 13 -22.25 -11.39 32.23
CA PRO B 13 -22.14 -12.86 32.16
C PRO B 13 -23.42 -13.54 32.67
N GLY B 14 -24.14 -12.89 33.57
CA GLY B 14 -25.37 -13.44 34.11
C GLY B 14 -26.52 -13.67 33.13
N VAL B 15 -26.42 -13.15 31.91
CA VAL B 15 -27.47 -13.42 30.93
C VAL B 15 -27.26 -14.72 30.14
N LEU B 16 -26.09 -15.33 30.29
CA LEU B 16 -25.82 -16.61 29.66
C LEU B 16 -26.64 -17.69 30.35
N ARG B 17 -27.55 -18.31 29.61
CA ARG B 17 -28.40 -19.35 30.19
C ARG B 17 -28.14 -20.71 29.56
N HIS B 18 -27.84 -21.71 30.37
CA HIS B 18 -27.65 -23.07 29.89
C HIS B 18 -29.04 -23.66 29.68
N VAL B 19 -29.39 -23.98 28.44
CA VAL B 19 -30.77 -24.38 28.10
C VAL B 19 -30.85 -25.69 27.33
N ASP B 20 -32.06 -26.24 27.26
CA ASP B 20 -32.38 -27.26 26.26
C ASP B 20 -32.80 -26.51 25.02
N GLN B 21 -32.25 -26.90 23.88
CA GLN B 21 -32.44 -26.18 22.63
C GLN B 21 -32.66 -27.18 21.50
N PRO B 22 -33.53 -26.83 20.53
CA PRO B 22 -33.70 -27.73 19.38
C PRO B 22 -32.38 -27.95 18.66
N GLN B 23 -32.14 -29.15 18.14
CA GLN B 23 -30.94 -29.36 17.34
C GLN B 23 -31.09 -28.56 16.06
N PRO B 24 -30.06 -27.82 15.67
CA PRO B 24 -30.14 -26.97 14.48
C PRO B 24 -30.21 -27.80 13.19
N GLN B 25 -30.77 -27.21 12.15
CA GLN B 25 -30.74 -27.82 10.82
C GLN B 25 -29.93 -26.93 9.89
N PRO B 26 -29.08 -27.53 9.06
CA PRO B 26 -28.25 -26.66 8.22
C PRO B 26 -29.04 -26.10 7.05
N GLY B 27 -28.94 -24.80 6.83
CA GLY B 27 -29.62 -24.15 5.72
C GLY B 27 -28.76 -24.15 4.48
N HIS B 28 -29.09 -23.29 3.53
CA HIS B 28 -28.40 -23.27 2.24
C HIS B 28 -26.92 -22.95 2.40
N GLY B 29 -26.07 -23.82 1.87
CA GLY B 29 -24.63 -23.60 1.90
C GLY B 29 -23.98 -23.89 3.25
N GLU B 30 -24.73 -24.49 4.17
CA GLU B 30 -24.25 -24.69 5.54
C GLU B 30 -23.91 -26.13 5.89
N LEU B 31 -23.04 -26.30 6.90
CA LEU B 31 -22.71 -27.61 7.44
C LEU B 31 -23.31 -27.71 8.83
N LEU B 32 -23.71 -28.92 9.22
CA LEU B 32 -24.10 -29.15 10.61
C LEU B 32 -22.91 -29.77 11.32
N ILE B 33 -22.45 -29.13 12.40
CA ILE B 33 -21.25 -29.55 13.10
C ILE B 33 -21.56 -30.01 14.52
N LYS B 34 -21.07 -31.19 14.87
CA LYS B 34 -21.14 -31.67 16.25
C LYS B 34 -19.86 -31.21 16.92
N ALA B 35 -20.00 -30.28 17.87
CA ALA B 35 -18.84 -29.63 18.48
C ALA B 35 -17.97 -30.55 19.30
N GLU B 36 -16.65 -30.37 19.19
CA GLU B 36 -15.69 -31.01 20.08
C GLU B 36 -15.01 -29.98 20.96
N ALA B 37 -14.79 -28.79 20.42
CA ALA B 37 -14.16 -27.73 21.17
C ALA B 37 -14.73 -26.40 20.72
N ILE B 38 -15.01 -25.52 21.68
CA ILE B 38 -15.66 -24.25 21.38
C ILE B 38 -14.77 -23.10 21.84
N GLY B 39 -14.51 -22.15 20.94
CA GLY B 39 -13.68 -21.01 21.29
C GLY B 39 -14.42 -20.00 22.13
N VAL B 40 -13.74 -19.45 23.13
CA VAL B 40 -14.29 -18.36 23.94
C VAL B 40 -13.43 -17.12 23.70
N ASN B 41 -14.04 -16.03 23.24
CA ASN B 41 -13.27 -14.84 22.88
C ASN B 41 -13.98 -13.56 23.27
N PHE B 42 -13.26 -12.45 23.23
CA PHE B 42 -13.84 -11.18 23.66
C PHE B 42 -15.00 -10.71 22.80
N ILE B 43 -14.95 -11.05 21.51
CA ILE B 43 -16.05 -10.71 20.61
C ILE B 43 -17.36 -11.33 21.11
N ASP B 44 -17.28 -12.53 21.69
CA ASP B 44 -18.46 -13.16 22.29
C ASP B 44 -19.04 -12.25 23.35
N THR B 45 -18.17 -11.64 24.16
CA THR B 45 -18.66 -10.78 25.22
C THR B 45 -19.32 -9.50 24.69
N TYR B 46 -18.90 -9.05 23.50
CA TYR B 46 -19.47 -7.82 22.94
C TYR B 46 -20.89 -8.09 22.42
N PHE B 47 -21.10 -9.26 21.83
CA PHE B 47 -22.45 -9.65 21.43
C PHE B 47 -23.32 -9.90 22.65
N ARG B 48 -22.75 -10.58 23.65
CA ARG B 48 -23.47 -10.84 24.89
C ARG B 48 -23.94 -9.55 25.56
N SER B 49 -23.08 -8.54 25.57
CA SER B 49 -23.41 -7.29 26.26
C SER B 49 -24.28 -6.37 25.41
N GLY B 50 -24.40 -6.65 24.12
CA GLY B 50 -25.19 -5.81 23.24
C GLY B 50 -24.36 -4.69 22.64
N GLN B 51 -23.07 -4.65 22.95
CA GLN B 51 -22.18 -3.68 22.34
C GLN B 51 -22.18 -3.85 20.84
N TYR B 52 -22.13 -5.12 20.41
CA TYR B 52 -22.41 -5.45 19.01
C TYR B 52 -23.83 -6.00 18.97
N PRO B 53 -24.71 -5.36 18.19
CA PRO B 53 -26.11 -5.77 18.15
C PRO B 53 -26.35 -6.98 17.27
N ARG B 54 -27.30 -7.82 17.65
CA ARG B 54 -27.77 -8.90 16.79
C ARG B 54 -29.16 -9.32 17.24
N GLU B 55 -29.85 -10.06 16.38
CA GLU B 55 -31.20 -10.53 16.69
C GLU B 55 -31.22 -11.40 17.96
N LEU B 56 -32.13 -11.08 18.87
CA LEU B 56 -32.35 -11.86 20.10
C LEU B 56 -33.60 -12.72 19.93
N PRO B 57 -33.63 -13.92 20.53
CA PRO B 57 -32.56 -14.63 21.25
C PRO B 57 -31.56 -15.17 20.26
N PHE B 58 -30.36 -15.47 20.74
CA PHE B 58 -29.39 -16.17 19.91
C PHE B 58 -28.60 -17.12 20.80
N VAL B 59 -28.07 -18.18 20.20
CA VAL B 59 -27.11 -19.01 20.88
C VAL B 59 -25.75 -18.38 20.58
N ILE B 60 -24.98 -18.10 21.63
CA ILE B 60 -23.75 -17.31 21.53
C ILE B 60 -22.58 -18.10 20.93
N GLY B 61 -21.62 -17.39 20.31
CA GLY B 61 -20.37 -17.99 19.89
C GLY B 61 -20.27 -18.25 18.39
N SER B 62 -19.07 -18.11 17.83
CA SER B 62 -18.89 -18.31 16.40
C SER B 62 -17.72 -19.22 16.08
N GLU B 63 -16.95 -19.61 17.10
CA GLU B 63 -15.76 -20.41 16.88
C GLU B 63 -15.94 -21.85 17.36
N VAL B 64 -15.78 -22.79 16.45
CA VAL B 64 -16.02 -24.20 16.80
C VAL B 64 -15.16 -25.13 15.97
N CYS B 65 -14.73 -26.22 16.60
CA CYS B 65 -14.15 -27.34 15.87
C CYS B 65 -14.93 -28.59 16.23
N GLY B 66 -15.32 -29.35 15.23
CA GLY B 66 -16.06 -30.57 15.47
C GLY B 66 -16.19 -31.40 14.19
N THR B 67 -17.10 -32.36 14.20
CA THR B 67 -17.26 -33.22 13.03
C THR B 67 -18.51 -32.85 12.25
N VAL B 68 -18.44 -33.01 10.94
CA VAL B 68 -19.59 -32.72 10.09
C VAL B 68 -20.63 -33.84 10.21
N GLU B 69 -21.79 -33.49 10.75
CA GLU B 69 -22.90 -34.45 10.95
C GLU B 69 -23.76 -34.54 9.71
N ALA B 70 -23.95 -33.41 9.03
CA ALA B 70 -24.82 -33.35 7.86
C ALA B 70 -24.49 -32.11 7.05
N VAL B 71 -24.94 -32.06 5.80
CA VAL B 71 -24.81 -30.85 5.00
C VAL B 71 -26.18 -30.34 4.57
N GLY B 72 -26.28 -29.03 4.42
CA GLY B 72 -27.53 -28.42 4.00
C GLY B 72 -27.65 -28.48 2.49
N PRO B 73 -28.78 -27.99 1.97
CA PRO B 73 -28.94 -27.91 0.52
C PRO B 73 -27.92 -26.92 -0.04
N GLY B 74 -27.53 -27.07 -1.30
CA GLY B 74 -26.57 -26.15 -1.89
C GLY B 74 -25.12 -26.43 -1.55
N VAL B 75 -24.87 -27.48 -0.76
CA VAL B 75 -23.50 -27.87 -0.42
C VAL B 75 -23.12 -29.09 -1.26
N THR B 76 -22.24 -28.90 -2.24
CA THR B 76 -21.90 -29.97 -3.17
C THR B 76 -20.40 -30.17 -3.20
N ALA B 77 -19.98 -31.37 -3.60
CA ALA B 77 -18.56 -31.67 -3.67
C ALA B 77 -17.85 -30.83 -4.74
N ALA B 78 -18.60 -30.23 -5.65
CA ALA B 78 -18.03 -29.34 -6.67
C ALA B 78 -17.44 -28.08 -6.04
N ASP B 79 -18.00 -27.70 -4.89
CA ASP B 79 -17.65 -26.43 -4.27
C ASP B 79 -16.76 -26.58 -3.04
N THR B 80 -16.90 -27.70 -2.34
CA THR B 80 -16.12 -27.94 -1.12
C THR B 80 -15.58 -29.37 -1.02
N ALA B 81 -14.37 -29.48 -0.48
CA ALA B 81 -13.78 -30.79 -0.22
C ALA B 81 -14.37 -31.41 1.06
N ILE B 82 -15.13 -30.62 1.82
CA ILE B 82 -15.67 -31.09 3.09
C ILE B 82 -16.80 -32.12 2.91
N SER B 83 -16.72 -33.21 3.68
CA SER B 83 -17.68 -34.30 3.60
C SER B 83 -18.15 -34.68 4.99
N VAL B 84 -19.34 -35.28 5.09
CA VAL B 84 -19.82 -35.79 6.36
C VAL B 84 -18.75 -36.67 7.03
N GLY B 85 -18.53 -36.45 8.33
CA GLY B 85 -17.52 -37.20 9.05
C GLY B 85 -16.20 -36.46 9.25
N ASP B 86 -15.95 -35.46 8.41
CA ASP B 86 -14.68 -34.71 8.50
C ASP B 86 -14.60 -33.84 9.75
N ARG B 87 -13.41 -33.78 10.35
CA ARG B 87 -13.16 -32.81 11.42
C ARG B 87 -12.93 -31.45 10.76
N VAL B 88 -13.68 -30.44 11.18
CA VAL B 88 -13.62 -29.13 10.56
C VAL B 88 -13.60 -28.03 11.61
N VAL B 89 -13.29 -26.82 11.19
CA VAL B 89 -13.29 -25.67 12.10
C VAL B 89 -13.80 -24.43 11.39
N SER B 90 -14.52 -23.59 12.12
CA SER B 90 -15.01 -22.35 11.53
C SER B 90 -15.00 -21.28 12.59
N ALA B 91 -14.82 -20.04 12.15
CA ALA B 91 -14.95 -18.89 13.04
C ALA B 91 -16.16 -18.06 12.61
N SER B 92 -17.01 -18.68 11.78
CA SER B 92 -18.22 -18.07 11.26
C SER B 92 -19.45 -18.91 11.58
N ALA B 93 -19.39 -19.68 12.65
CA ALA B 93 -20.53 -20.52 13.02
C ALA B 93 -21.65 -19.70 13.63
N ASN B 94 -22.87 -20.20 13.51
CA ASN B 94 -23.97 -19.63 14.28
C ASN B 94 -24.28 -20.55 15.46
N GLY B 95 -24.23 -20.00 16.65
CA GLY B 95 -24.58 -20.77 17.85
C GLY B 95 -23.54 -21.79 18.29
N ALA B 96 -22.27 -21.38 18.30
CA ALA B 96 -21.17 -22.29 18.64
C ALA B 96 -21.21 -22.88 20.05
N TYR B 97 -21.71 -22.12 21.04
CA TYR B 97 -21.76 -22.65 22.41
C TYR B 97 -22.93 -23.65 22.50
N ALA B 98 -22.76 -24.81 21.89
CA ALA B 98 -23.83 -25.80 21.88
C ALA B 98 -23.22 -27.14 21.50
N GLU B 99 -23.99 -28.21 21.67
CA GLU B 99 -23.52 -29.52 21.24
C GLU B 99 -23.45 -29.62 19.72
N PHE B 100 -24.35 -28.91 19.04
CA PHE B 100 -24.36 -28.84 17.56
C PHE B 100 -24.57 -27.40 17.11
N CYS B 101 -23.97 -27.05 15.97
CA CYS B 101 -24.19 -25.72 15.39
C CYS B 101 -24.07 -25.78 13.88
N THR B 102 -24.27 -24.63 13.23
CA THR B 102 -24.14 -24.57 11.76
C THR B 102 -23.05 -23.59 11.35
N ALA B 103 -22.51 -23.76 10.15
CA ALA B 103 -21.56 -22.80 9.63
C ALA B 103 -21.55 -22.88 8.11
N PRO B 104 -21.30 -21.76 7.43
CA PRO B 104 -21.21 -21.80 5.97
C PRO B 104 -20.02 -22.64 5.56
N ALA B 105 -20.18 -23.53 4.60
CA ALA B 105 -19.08 -24.39 4.18
C ALA B 105 -17.92 -23.58 3.62
N SER B 106 -18.22 -22.45 2.98
CA SER B 106 -17.20 -21.63 2.34
C SER B 106 -16.35 -20.88 3.37
N LEU B 107 -16.76 -20.93 4.63
CA LEU B 107 -16.00 -20.32 5.73
C LEU B 107 -15.70 -21.35 6.80
N THR B 108 -15.55 -22.60 6.36
CA THR B 108 -15.18 -23.70 7.24
C THR B 108 -14.00 -24.42 6.63
N ALA B 109 -13.07 -24.89 7.46
CA ALA B 109 -11.88 -25.56 6.94
C ALA B 109 -11.70 -26.92 7.56
N LYS B 110 -11.08 -27.84 6.83
CA LYS B 110 -10.72 -29.14 7.39
C LYS B 110 -9.60 -28.98 8.41
N VAL B 111 -9.60 -29.83 9.42
CA VAL B 111 -8.51 -29.84 10.39
C VAL B 111 -7.72 -31.11 10.16
N PRO B 112 -6.39 -30.99 9.97
CA PRO B 112 -5.55 -32.18 9.77
C PRO B 112 -5.56 -33.09 10.99
N ASP B 113 -5.27 -34.37 10.82
CA ASP B 113 -5.29 -35.33 11.92
C ASP B 113 -4.34 -34.96 13.06
N ASP B 114 -3.28 -34.23 12.73
CA ASP B 114 -2.24 -33.90 13.70
C ASP B 114 -2.45 -32.55 14.41
N VAL B 115 -3.64 -31.99 14.28
CA VAL B 115 -4.01 -30.78 15.01
C VAL B 115 -5.24 -31.08 15.87
N THR B 116 -5.18 -30.75 17.16
CA THR B 116 -6.28 -31.07 18.07
C THR B 116 -7.43 -30.08 17.91
N SER B 117 -8.61 -30.49 18.36
CA SER B 117 -9.81 -29.66 18.20
C SER B 117 -9.69 -28.37 19.00
N GLU B 118 -9.11 -28.46 20.19
CA GLU B 118 -8.97 -27.30 21.06
C GLU B 118 -8.04 -26.25 20.43
N VAL B 119 -6.96 -26.71 19.84
CA VAL B 119 -6.01 -25.82 19.17
C VAL B 119 -6.65 -25.23 17.91
N ALA B 120 -7.30 -26.05 17.10
CA ALA B 120 -8.01 -25.55 15.91
C ALA B 120 -9.00 -24.45 16.25
N ALA B 121 -9.86 -24.68 17.24
CA ALA B 121 -10.87 -23.69 17.60
C ALA B 121 -10.25 -22.39 18.13
N SER B 122 -9.15 -22.55 18.86
CA SER B 122 -8.42 -21.42 19.45
C SER B 122 -7.58 -20.65 18.44
N ALA B 123 -7.24 -21.29 17.32
CA ALA B 123 -6.21 -20.72 16.45
C ALA B 123 -6.72 -20.17 15.14
N LEU B 124 -7.92 -20.60 14.73
CA LEU B 124 -8.33 -20.33 13.34
C LEU B 124 -8.40 -18.83 13.03
N LEU B 125 -9.16 -18.08 13.82
CA LEU B 125 -9.35 -16.66 13.51
C LEU B 125 -8.04 -15.88 13.58
N LYS B 126 -7.32 -16.02 14.68
CA LYS B 126 -6.02 -15.35 14.84
C LYS B 126 -5.08 -15.78 13.73
N GLY B 127 -5.15 -17.06 13.36
CA GLY B 127 -4.24 -17.65 12.39
C GLY B 127 -4.51 -17.21 10.95
N LEU B 128 -5.78 -17.13 10.56
CA LEU B 128 -6.13 -16.62 9.25
C LEU B 128 -5.70 -15.16 9.16
N THR B 129 -5.89 -14.43 10.26
CA THR B 129 -5.49 -13.03 10.29
C THR B 129 -3.98 -12.90 10.08
N ALA B 130 -3.21 -13.69 10.83
CA ALA B 130 -1.77 -13.66 10.63
C ALA B 130 -1.40 -14.09 9.22
N HIS B 131 -2.13 -15.05 8.65
CA HIS B 131 -1.80 -15.51 7.31
C HIS B 131 -1.95 -14.39 6.29
N TYR B 132 -3.10 -13.72 6.28
CA TYR B 132 -3.29 -12.68 5.27
C TYR B 132 -2.33 -11.49 5.46
N LEU B 133 -2.02 -11.16 6.71
CA LEU B 133 -1.08 -10.07 6.99
C LEU B 133 0.32 -10.40 6.46
N LEU B 134 0.74 -11.64 6.61
CA LEU B 134 2.10 -12.06 6.25
C LEU B 134 2.24 -12.54 4.81
N LYS B 135 1.14 -12.98 4.20
CA LYS B 135 1.22 -13.54 2.85
C LYS B 135 0.62 -12.65 1.77
N SER B 136 -0.30 -11.77 2.18
CA SER B 136 -1.06 -11.00 1.20
C SER B 136 -0.88 -9.49 1.35
N VAL B 137 -1.10 -8.96 2.55
CA VAL B 137 -1.01 -7.51 2.77
C VAL B 137 0.42 -7.01 2.55
N TYR B 138 1.36 -7.60 3.27
CA TYR B 138 2.76 -7.43 2.90
C TYR B 138 3.40 -8.81 2.89
N PRO B 139 3.78 -9.31 1.69
CA PRO B 139 4.32 -10.67 1.63
C PRO B 139 5.73 -10.68 2.17
N VAL B 140 5.90 -11.15 3.40
CA VAL B 140 7.22 -11.13 4.01
C VAL B 140 8.14 -12.09 3.27
N LYS B 141 9.43 -11.75 3.24
CA LYS B 141 10.44 -12.60 2.62
C LYS B 141 11.61 -12.80 3.55
N ARG B 142 12.34 -13.90 3.38
CA ARG B 142 13.51 -14.17 4.19
C ARG B 142 14.44 -12.97 4.17
N GLY B 143 14.88 -12.53 5.35
CA GLY B 143 15.79 -11.40 5.44
C GLY B 143 15.11 -10.10 5.84
N ASP B 144 13.79 -10.06 5.76
CA ASP B 144 13.05 -8.88 6.21
C ASP B 144 13.13 -8.72 7.73
N THR B 145 12.85 -7.51 8.20
CA THR B 145 12.60 -7.26 9.62
C THR B 145 11.23 -6.61 9.69
N VAL B 146 10.40 -7.04 10.64
CA VAL B 146 9.09 -6.42 10.82
C VAL B 146 8.86 -6.05 12.26
N LEU B 147 7.96 -5.08 12.47
CA LEU B 147 7.58 -4.65 13.80
C LEU B 147 6.16 -5.13 14.06
N VAL B 148 5.97 -5.85 15.16
CA VAL B 148 4.64 -6.34 15.53
C VAL B 148 4.26 -5.77 16.89
N HIS B 149 3.22 -4.92 16.94
CA HIS B 149 2.81 -4.38 18.24
C HIS B 149 2.00 -5.41 19.01
N ALA B 150 1.96 -5.27 20.33
CA ALA B 150 1.22 -6.20 21.19
C ALA B 150 1.67 -7.64 20.98
N GLY B 151 2.97 -7.88 21.17
CA GLY B 151 3.58 -9.15 20.83
C GLY B 151 3.01 -10.35 21.57
N ALA B 152 2.43 -10.11 22.75
CA ALA B 152 1.91 -11.20 23.56
C ALA B 152 0.41 -11.43 23.38
N GLY B 153 -0.22 -10.66 22.50
CA GLY B 153 -1.62 -10.87 22.17
C GLY B 153 -1.80 -12.04 21.21
N GLY B 154 -3.05 -12.47 21.03
CA GLY B 154 -3.35 -13.62 20.20
C GLY B 154 -2.74 -13.57 18.80
N VAL B 155 -3.03 -12.49 18.07
CA VAL B 155 -2.52 -12.36 16.71
C VAL B 155 -1.01 -12.07 16.73
N GLY B 156 -0.59 -11.23 17.68
CA GLY B 156 0.82 -10.89 17.78
C GLY B 156 1.72 -12.10 17.96
N LEU B 157 1.27 -13.05 18.79
CA LEU B 157 2.04 -14.25 19.05
C LEU B 157 2.17 -15.08 17.78
N ILE B 158 1.08 -15.20 17.04
CA ILE B 158 1.12 -15.99 15.82
C ILE B 158 1.92 -15.29 14.74
N LEU B 159 1.73 -13.98 14.61
CA LEU B 159 2.52 -13.21 13.65
C LEU B 159 4.01 -13.40 13.92
N THR B 160 4.38 -13.35 15.19
CA THR B 160 5.80 -13.45 15.55
C THR B 160 6.37 -14.84 15.22
N GLN B 161 5.67 -15.89 15.61
CA GLN B 161 6.17 -17.24 15.36
C GLN B 161 6.22 -17.56 13.88
N TRP B 162 5.15 -17.18 13.17
CA TRP B 162 5.07 -17.47 11.74
C TRP B 162 6.12 -16.71 10.95
N ALA B 163 6.27 -15.42 11.24
CA ALA B 163 7.26 -14.62 10.52
C ALA B 163 8.67 -15.17 10.79
N THR B 164 8.94 -15.53 12.04
CA THR B 164 10.26 -16.08 12.39
C THR B 164 10.52 -17.36 11.61
N HIS B 165 9.50 -18.21 11.52
CA HIS B 165 9.61 -19.44 10.74
C HIS B 165 9.87 -19.17 9.25
N LEU B 166 9.41 -18.03 8.75
CA LEU B 166 9.61 -17.68 7.34
C LEU B 166 10.94 -16.93 7.13
N GLY B 167 11.75 -16.87 8.19
CA GLY B 167 13.07 -16.24 8.09
C GLY B 167 13.06 -14.73 8.28
N VAL B 168 12.03 -14.23 8.95
CA VAL B 168 11.89 -12.81 9.19
C VAL B 168 12.28 -12.47 10.63
N ARG B 169 12.99 -11.37 10.81
CA ARG B 169 13.37 -10.90 12.15
C ARG B 169 12.23 -10.06 12.70
N VAL B 170 11.76 -10.39 13.90
CA VAL B 170 10.61 -9.70 14.47
C VAL B 170 10.98 -8.87 15.69
N ILE B 171 10.57 -7.60 15.67
CA ILE B 171 10.68 -6.71 16.82
C ILE B 171 9.26 -6.51 17.32
N THR B 172 9.05 -6.60 18.64
CA THR B 172 7.71 -6.45 19.16
C THR B 172 7.64 -5.37 20.24
N THR B 173 6.42 -5.01 20.61
CA THR B 173 6.19 -4.16 21.78
C THR B 173 5.25 -4.88 22.74
N VAL B 174 5.54 -4.80 24.04
CA VAL B 174 4.63 -5.33 25.06
C VAL B 174 4.66 -4.41 26.26
N SER B 175 3.73 -4.60 27.18
CA SER B 175 3.56 -3.67 28.30
C SER B 175 4.13 -4.17 29.62
N THR B 176 4.40 -5.46 29.72
CA THR B 176 4.91 -6.03 30.98
C THR B 176 6.03 -7.04 30.77
N ALA B 177 6.77 -7.31 31.84
CA ALA B 177 7.86 -8.28 31.80
C ALA B 177 7.35 -9.67 31.47
N GLU B 178 6.18 -10.02 32.00
CA GLU B 178 5.60 -11.34 31.77
C GLU B 178 5.28 -11.50 30.29
N LYS B 179 4.71 -10.45 29.70
CA LYS B 179 4.39 -10.46 28.27
C LYS B 179 5.66 -10.45 27.43
N ALA B 180 6.70 -9.79 27.94
CA ALA B 180 8.00 -9.77 27.25
C ALA B 180 8.56 -11.18 27.12
N LYS B 181 8.41 -11.98 28.16
CA LYS B 181 8.90 -13.36 28.07
C LYS B 181 8.08 -14.18 27.08
N LEU B 182 6.77 -13.98 27.08
CA LEU B 182 5.89 -14.68 26.15
C LEU B 182 6.26 -14.34 24.71
N SER B 183 6.57 -13.07 24.47
CA SER B 183 6.91 -12.61 23.12
C SER B 183 8.26 -13.14 22.67
N LYS B 184 9.24 -13.08 23.57
CA LYS B 184 10.56 -13.68 23.29
C LYS B 184 10.42 -15.17 22.98
N ASP B 185 9.57 -15.87 23.73
CA ASP B 185 9.40 -17.31 23.52
C ASP B 185 8.68 -17.63 22.21
N ALA B 186 7.96 -16.65 21.68
CA ALA B 186 7.28 -16.78 20.40
C ALA B 186 8.24 -16.46 19.26
N GLY B 187 9.42 -15.95 19.59
CA GLY B 187 10.45 -15.77 18.57
C GLY B 187 10.91 -14.35 18.32
N ALA B 188 10.41 -13.41 19.12
CA ALA B 188 10.83 -12.02 18.95
C ALA B 188 12.33 -11.89 19.16
N ASP B 189 13.01 -11.24 18.20
CA ASP B 189 14.44 -11.04 18.36
C ASP B 189 14.73 -9.90 19.32
N VAL B 190 13.86 -8.89 19.30
CA VAL B 190 13.96 -7.78 20.25
C VAL B 190 12.57 -7.44 20.78
N VAL B 191 12.46 -7.27 22.09
CA VAL B 191 11.18 -6.85 22.69
C VAL B 191 11.34 -5.44 23.25
N LEU B 192 10.44 -4.55 22.84
CA LEU B 192 10.53 -3.16 23.25
C LEU B 192 9.34 -2.75 24.10
N ASP B 193 9.55 -1.71 24.88
CA ASP B 193 8.48 -1.02 25.56
C ASP B 193 7.60 -0.33 24.51
N TYR B 194 6.31 -0.13 24.81
CA TYR B 194 5.46 0.69 23.95
C TYR B 194 6.05 2.08 23.80
N PRO B 195 5.82 2.71 22.63
CA PRO B 195 6.42 4.04 22.39
C PRO B 195 5.90 5.14 23.29
N GLU B 196 6.82 5.97 23.79
CA GLU B 196 6.45 7.14 24.55
C GLU B 196 6.41 8.36 23.64
N ASP B 197 7.23 8.32 22.60
CA ASP B 197 7.40 9.44 21.68
C ASP B 197 7.74 8.83 20.34
N ALA B 198 7.06 9.27 19.28
CA ALA B 198 7.19 8.62 17.98
C ALA B 198 8.62 8.65 17.40
N TRP B 199 9.27 9.80 17.48
CA TRP B 199 10.60 9.91 16.89
C TRP B 199 11.69 9.19 17.70
N GLN B 200 11.54 9.22 19.02
CA GLN B 200 12.44 8.47 19.90
C GLN B 200 12.33 6.96 19.63
N PHE B 201 11.10 6.47 19.55
CA PHE B 201 10.86 5.05 19.28
C PHE B 201 11.40 4.69 17.90
N ALA B 202 11.10 5.51 16.90
CA ALA B 202 11.56 5.23 15.54
C ALA B 202 13.09 5.21 15.49
N GLY B 203 13.73 6.12 16.22
CA GLY B 203 15.18 6.16 16.29
C GLY B 203 15.74 4.86 16.85
N ARG B 204 15.05 4.31 17.84
CA ARG B 204 15.42 3.04 18.44
C ARG B 204 15.29 1.90 17.41
N VAL B 205 14.19 1.88 16.68
CA VAL B 205 13.99 0.87 15.64
C VAL B 205 15.03 1.00 14.52
N ARG B 206 15.34 2.23 14.12
CA ARG B 206 16.34 2.41 13.07
C ARG B 206 17.73 1.95 13.52
N GLU B 207 18.06 2.17 14.79
CA GLU B 207 19.33 1.67 15.31
C GLU B 207 19.41 0.15 15.27
N LEU B 208 18.28 -0.51 15.57
CA LEU B 208 18.23 -1.97 15.55
C LEU B 208 18.34 -2.53 14.13
N THR B 209 17.97 -1.72 13.13
CA THR B 209 17.91 -2.20 11.76
C THR B 209 19.00 -1.60 10.88
N GLY B 210 20.08 -1.14 11.50
CA GLY B 210 21.20 -0.57 10.75
C GLY B 210 20.83 0.69 9.99
N GLY B 211 19.85 1.43 10.50
CA GLY B 211 19.46 2.71 9.94
C GLY B 211 18.33 2.60 8.93
N THR B 212 17.97 1.37 8.58
CA THR B 212 17.03 1.14 7.49
C THR B 212 15.57 1.35 7.88
N GLY B 213 15.19 0.92 9.08
CA GLY B 213 13.79 0.86 9.44
C GLY B 213 13.29 -0.52 9.08
N VAL B 214 12.02 -0.80 9.40
CA VAL B 214 11.43 -2.12 9.13
C VAL B 214 10.69 -2.13 7.80
N GLN B 215 10.69 -3.30 7.15
CA GLN B 215 9.97 -3.47 5.89
C GLN B 215 8.45 -3.39 6.07
N ALA B 216 7.96 -3.73 7.25
CA ALA B 216 6.52 -3.61 7.53
C ALA B 216 6.24 -3.45 9.00
N VAL B 217 5.13 -2.78 9.33
CA VAL B 217 4.63 -2.74 10.69
C VAL B 217 3.25 -3.34 10.72
N TYR B 218 3.05 -4.29 11.63
CA TYR B 218 1.74 -4.86 11.86
C TYR B 218 1.20 -4.26 13.14
N ASP B 219 0.25 -3.34 12.98
CA ASP B 219 -0.24 -2.52 14.08
C ASP B 219 -1.70 -2.84 14.35
N GLY B 220 -1.96 -3.56 15.44
CA GLY B 220 -3.33 -3.86 15.81
C GLY B 220 -3.76 -3.02 17.01
N VAL B 221 -2.91 -2.08 17.38
CA VAL B 221 -3.13 -1.24 18.58
C VAL B 221 -3.76 0.12 18.26
N GLY B 222 -3.30 0.78 17.21
CA GLY B 222 -3.97 1.98 16.74
C GLY B 222 -3.50 3.27 17.36
N ALA B 223 -4.39 3.95 18.08
CA ALA B 223 -4.16 5.31 18.57
C ALA B 223 -2.79 5.56 19.20
N THR B 224 -2.41 4.70 20.14
CA THR B 224 -1.20 4.94 20.93
C THR B 224 0.10 4.57 20.23
N THR B 225 0.03 3.83 19.12
CA THR B 225 1.23 3.34 18.47
C THR B 225 1.40 3.81 17.03
N PHE B 226 0.36 4.37 16.43
CA PHE B 226 0.36 4.65 14.99
C PHE B 226 1.47 5.60 14.55
N ASP B 227 1.65 6.72 15.27
CA ASP B 227 2.68 7.68 14.86
C ASP B 227 4.09 7.04 14.86
N ALA B 228 4.36 6.22 15.88
CA ALA B 228 5.63 5.50 15.99
C ALA B 228 5.78 4.46 14.88
N SER B 229 4.69 3.76 14.58
CA SER B 229 4.68 2.78 13.49
C SER B 229 5.07 3.47 12.17
N LEU B 230 4.43 4.59 11.87
CA LEU B 230 4.69 5.27 10.60
C LEU B 230 6.13 5.75 10.54
N ALA B 231 6.63 6.26 11.65
CA ALA B 231 8.00 6.79 11.71
C ALA B 231 9.10 5.72 11.65
N SER B 232 8.74 4.44 11.79
CA SER B 232 9.73 3.37 11.90
C SER B 232 10.02 2.63 10.60
N LEU B 233 9.30 3.01 9.54
CA LEU B 233 9.28 2.24 8.30
C LEU B 233 10.49 2.46 7.38
N ALA B 234 10.94 1.38 6.75
CA ALA B 234 11.93 1.50 5.67
C ALA B 234 11.28 2.19 4.48
N VAL B 235 12.08 2.77 3.59
CA VAL B 235 11.56 3.39 2.37
C VAL B 235 10.67 2.40 1.63
N ARG B 236 9.49 2.87 1.21
CA ARG B 236 8.47 2.06 0.54
C ARG B 236 7.93 0.88 1.36
N GLY B 237 8.09 0.96 2.68
CA GLY B 237 7.56 -0.06 3.58
C GLY B 237 6.04 0.00 3.69
N THR B 238 5.46 -1.00 4.37
CA THR B 238 3.99 -1.08 4.47
C THR B 238 3.54 -1.03 5.91
N LEU B 239 2.63 -0.11 6.21
CA LEU B 239 2.01 -0.03 7.53
C LEU B 239 0.66 -0.72 7.43
N ALA B 240 0.57 -1.91 8.02
CA ALA B 240 -0.70 -2.63 8.06
C ALA B 240 -1.40 -2.36 9.38
N LEU B 241 -2.36 -1.45 9.35
CA LEU B 241 -3.15 -1.11 10.53
C LEU B 241 -4.38 -2.01 10.54
N PHE B 242 -4.37 -3.06 11.36
CA PHE B 242 -5.44 -4.07 11.27
C PHE B 242 -6.29 -4.13 12.53
N GLY B 243 -6.04 -3.21 13.46
CA GLY B 243 -6.81 -3.18 14.70
C GLY B 243 -6.67 -1.83 15.38
N ALA B 244 -7.53 -1.60 16.37
CA ALA B 244 -7.51 -0.34 17.11
C ALA B 244 -7.77 -0.60 18.59
N ALA B 245 -6.99 -1.50 19.17
CA ALA B 245 -7.18 -1.91 20.55
C ALA B 245 -7.10 -0.75 21.54
N SER B 246 -6.27 0.25 21.24
CA SER B 246 -6.08 1.39 22.14
C SER B 246 -6.99 2.56 21.81
N GLY B 247 -7.67 2.47 20.67
CA GLY B 247 -8.50 3.56 20.20
C GLY B 247 -8.28 3.84 18.73
N PRO B 248 -9.16 4.64 18.13
CA PRO B 248 -9.07 4.88 16.70
C PRO B 248 -7.89 5.77 16.34
N VAL B 249 -7.32 5.57 15.16
CA VAL B 249 -6.25 6.44 14.66
C VAL B 249 -6.88 7.69 14.03
N PRO B 250 -6.43 8.87 14.46
CA PRO B 250 -6.91 10.13 13.88
C PRO B 250 -6.58 10.21 12.39
N PRO B 251 -7.41 10.93 11.61
CA PRO B 251 -7.19 11.07 10.17
C PRO B 251 -5.74 11.43 9.85
N VAL B 252 -5.21 10.80 8.81
CA VAL B 252 -3.79 10.87 8.50
C VAL B 252 -3.56 11.75 7.28
N ASP B 253 -2.81 12.83 7.47
CA ASP B 253 -2.37 13.68 6.37
C ASP B 253 -1.53 12.85 5.39
N PRO B 254 -2.00 12.68 4.14
CA PRO B 254 -1.27 11.83 3.18
C PRO B 254 0.19 12.26 2.97
N GLN B 255 0.50 13.54 3.13
CA GLN B 255 1.91 13.95 3.03
C GLN B 255 2.79 13.26 4.07
N ARG B 256 2.21 12.83 5.19
CA ARG B 256 3.00 12.09 6.19
C ARG B 256 3.50 10.76 5.62
N LEU B 257 2.76 10.20 4.67
CA LEU B 257 3.18 8.95 4.02
C LEU B 257 4.36 9.19 3.11
N ASN B 258 4.42 10.37 2.50
CA ASN B 258 5.56 10.73 1.68
C ASN B 258 6.81 10.94 2.52
N ALA B 259 6.68 11.80 3.53
CA ALA B 259 7.79 12.09 4.44
C ALA B 259 8.37 10.84 5.11
N ALA B 260 7.50 9.88 5.40
CA ALA B 260 7.91 8.64 6.04
C ALA B 260 8.72 7.71 5.13
N GLY B 261 8.73 8.04 3.83
CA GLY B 261 9.52 7.29 2.85
C GLY B 261 8.73 6.70 1.71
N SER B 262 7.74 7.44 1.19
CA SER B 262 6.83 6.93 0.17
C SER B 262 6.26 5.57 0.58
N VAL B 263 5.72 5.51 1.79
CA VAL B 263 5.28 4.23 2.35
C VAL B 263 3.85 3.94 1.94
N TYR B 264 3.40 2.73 2.25
CA TYR B 264 2.02 2.34 1.99
C TYR B 264 1.31 2.28 3.32
N LEU B 265 0.07 2.78 3.35
CA LEU B 265 -0.81 2.59 4.50
C LEU B 265 -2.00 1.78 4.03
N THR B 266 -2.35 0.76 4.80
CA THR B 266 -3.52 -0.04 4.48
C THR B 266 -4.25 -0.39 5.79
N ARG B 267 -5.58 -0.47 5.74
CA ARG B 267 -6.34 -0.85 6.92
C ARG B 267 -7.19 -2.05 6.55
N PRO B 268 -6.61 -3.26 6.63
CA PRO B 268 -7.34 -4.44 6.15
C PRO B 268 -8.27 -5.01 7.19
N SER B 269 -9.23 -5.81 6.72
CA SER B 269 -10.00 -6.65 7.63
C SER B 269 -10.18 -8.01 6.97
N LEU B 270 -10.36 -9.03 7.80
CA LEU B 270 -10.38 -10.42 7.33
C LEU B 270 -11.39 -10.71 6.22
N PHE B 271 -12.52 -10.04 6.26
CA PHE B 271 -13.58 -10.19 5.26
C PHE B 271 -13.05 -10.13 3.83
N HIS B 272 -12.11 -9.22 3.57
CA HIS B 272 -11.61 -9.02 2.21
C HIS B 272 -10.52 -10.02 1.83
N PHE B 273 -10.21 -10.93 2.74
CA PHE B 273 -9.20 -11.96 2.48
C PHE B 273 -9.77 -13.36 2.66
N THR B 274 -11.09 -13.46 2.75
CA THR B 274 -11.77 -14.75 2.85
C THR B 274 -12.97 -14.75 1.89
N ARG B 275 -12.75 -14.24 0.68
CA ARG B 275 -13.84 -13.90 -0.23
C ARG B 275 -14.49 -15.10 -0.92
N THR B 276 -13.75 -16.21 -1.04
CA THR B 276 -14.27 -17.43 -1.62
C THR B 276 -13.81 -18.59 -0.75
N GLY B 277 -14.45 -19.74 -0.91
CA GLY B 277 -14.04 -20.92 -0.17
C GLY B 277 -12.64 -21.33 -0.54
N GLU B 278 -12.27 -21.11 -1.80
CA GLU B 278 -10.93 -21.46 -2.27
C GLU B 278 -9.87 -20.64 -1.53
N GLU B 279 -10.11 -19.35 -1.36
CA GLU B 279 -9.16 -18.48 -0.66
C GLU B 279 -9.11 -18.84 0.83
N PHE B 280 -10.29 -19.05 1.42
CA PHE B 280 -10.38 -19.42 2.83
C PHE B 280 -9.60 -20.72 3.07
N SER B 281 -9.81 -21.71 2.21
CA SER B 281 -9.22 -23.02 2.42
C SER B 281 -7.70 -22.99 2.26
N TRP B 282 -7.23 -22.14 1.37
CA TRP B 282 -5.78 -21.97 1.17
C TRP B 282 -5.12 -21.42 2.43
N ARG B 283 -5.71 -20.38 3.01
CA ARG B 283 -5.13 -19.76 4.20
C ARG B 283 -5.15 -20.73 5.37
N ALA B 284 -6.28 -21.40 5.54
CA ALA B 284 -6.44 -22.36 6.63
C ALA B 284 -5.48 -23.54 6.50
N ALA B 285 -5.33 -24.06 5.27
CA ALA B 285 -4.43 -25.18 5.04
C ALA B 285 -2.99 -24.82 5.41
N GLU B 286 -2.54 -23.62 5.05
CA GLU B 286 -1.15 -23.22 5.35
C GLU B 286 -0.99 -22.98 6.84
N LEU B 287 -2.00 -22.41 7.49
CA LEU B 287 -2.03 -22.28 8.94
C LEU B 287 -1.89 -23.64 9.64
N PHE B 288 -2.70 -24.61 9.24
CA PHE B 288 -2.70 -25.90 9.94
C PHE B 288 -1.51 -26.78 9.58
N ASP B 289 -0.90 -26.54 8.42
CA ASP B 289 0.36 -27.21 8.09
C ASP B 289 1.43 -26.73 9.07
N ALA B 290 1.48 -25.42 9.29
CA ALA B 290 2.45 -24.84 10.22
C ALA B 290 2.21 -25.27 11.67
N ILE B 291 0.95 -25.31 12.10
CA ILE B 291 0.66 -25.77 13.46
C ILE B 291 1.02 -27.25 13.57
N GLY B 292 0.68 -28.02 12.54
CA GLY B 292 1.00 -29.45 12.50
C GLY B 292 2.50 -29.72 12.62
N ASN B 293 3.31 -28.85 12.01
CA ASN B 293 4.76 -28.98 12.10
C ASN B 293 5.35 -28.32 13.34
N GLU B 294 4.48 -27.78 14.20
CA GLU B 294 4.90 -27.13 15.43
C GLU B 294 5.76 -25.89 15.17
N ALA B 295 5.59 -25.31 13.98
CA ALA B 295 6.18 -24.01 13.66
C ALA B 295 5.36 -22.92 14.34
N ILE B 296 4.07 -23.20 14.52
CA ILE B 296 3.18 -22.32 15.27
C ILE B 296 2.56 -23.14 16.40
N THR B 297 2.59 -22.61 17.62
CA THR B 297 1.94 -23.25 18.77
C THR B 297 0.94 -22.28 19.38
N VAL B 298 -0.19 -22.80 19.85
CA VAL B 298 -1.20 -21.95 20.47
C VAL B 298 -1.54 -22.55 21.82
N ALA B 299 -1.18 -21.84 22.88
CA ALA B 299 -1.40 -22.33 24.24
C ALA B 299 -2.87 -22.27 24.61
N VAL B 300 -3.41 -23.39 25.09
CA VAL B 300 -4.76 -23.37 25.66
C VAL B 300 -4.60 -23.36 27.18
N GLY B 301 -5.10 -22.31 27.83
CA GLY B 301 -4.88 -22.15 29.25
C GLY B 301 -6.10 -22.42 30.12
N GLY B 302 -7.26 -22.60 29.49
CA GLY B 302 -8.48 -22.79 30.26
C GLY B 302 -9.47 -23.70 29.54
N ARG B 303 -9.86 -24.79 30.19
CA ARG B 303 -10.81 -25.73 29.60
C ARG B 303 -12.03 -25.91 30.51
N TYR B 304 -13.18 -25.44 30.04
CA TYR B 304 -14.41 -25.44 30.83
C TYR B 304 -15.42 -26.36 30.17
N PRO B 305 -16.26 -27.03 30.96
CA PRO B 305 -17.42 -27.69 30.36
C PRO B 305 -18.36 -26.62 29.82
N LEU B 306 -19.13 -26.97 28.79
CA LEU B 306 -20.05 -26.03 28.15
C LEU B 306 -20.97 -25.34 29.16
N ALA B 307 -21.39 -26.09 30.17
CA ALA B 307 -22.32 -25.58 31.18
C ALA B 307 -21.77 -24.39 31.97
N ASP B 308 -20.46 -24.25 32.01
CA ASP B 308 -19.83 -23.17 32.77
C ASP B 308 -19.35 -22.04 31.89
N ALA B 309 -20.10 -21.76 30.82
CA ALA B 309 -19.77 -20.63 29.94
C ALA B 309 -19.80 -19.32 30.72
N LEU B 310 -20.71 -19.22 31.68
CA LEU B 310 -20.78 -18.03 32.54
C LEU B 310 -19.46 -17.80 33.24
N ARG B 311 -18.94 -18.86 33.88
CA ARG B 311 -17.65 -18.78 34.56
C ARG B 311 -16.51 -18.48 33.60
N ALA B 312 -16.55 -19.05 32.40
CA ALA B 312 -15.51 -18.76 31.40
C ALA B 312 -15.50 -17.28 31.04
N HIS B 313 -16.68 -16.71 30.84
CA HIS B 313 -16.79 -15.28 30.56
C HIS B 313 -16.30 -14.41 31.72
N GLN B 314 -16.62 -14.81 32.94
CA GLN B 314 -16.12 -14.07 34.10
C GLN B 314 -14.60 -14.10 34.15
N ASP B 315 -14.03 -15.29 34.01
CA ASP B 315 -12.57 -15.45 34.07
C ASP B 315 -11.89 -14.71 32.90
N LEU B 316 -12.53 -14.74 31.73
CA LEU B 316 -12.01 -14.02 30.57
C LEU B 316 -11.97 -12.51 30.81
N GLU B 317 -13.07 -11.96 31.31
CA GLU B 317 -13.14 -10.52 31.53
C GLU B 317 -12.27 -10.08 32.72
N ALA B 318 -11.93 -11.04 33.57
CA ALA B 318 -11.10 -10.75 34.75
C ALA B 318 -9.61 -10.95 34.47
N ARG B 319 -9.29 -11.38 33.25
CA ARG B 319 -7.91 -11.69 32.86
C ARG B 319 -7.27 -12.73 33.79
N LYS B 320 -8.05 -13.73 34.20
CA LYS B 320 -7.54 -14.77 35.08
C LYS B 320 -6.96 -15.87 34.23
N THR B 321 -7.22 -15.74 32.93
CA THR B 321 -6.84 -16.72 31.94
C THR B 321 -5.62 -16.22 31.18
N VAL B 322 -4.55 -17.01 31.14
CA VAL B 322 -3.49 -16.76 30.16
C VAL B 322 -3.55 -17.86 29.11
N GLY B 323 -3.50 -17.46 27.85
CA GLY B 323 -3.68 -18.42 26.77
C GLY B 323 -5.15 -18.47 26.41
N SER B 324 -5.48 -19.26 25.39
CA SER B 324 -6.84 -19.34 24.92
C SER B 324 -7.74 -20.11 25.90
N VAL B 325 -9.03 -19.79 25.86
CA VAL B 325 -10.03 -20.45 26.71
C VAL B 325 -10.97 -21.23 25.80
N VAL B 326 -11.28 -22.47 26.14
CA VAL B 326 -12.23 -23.24 25.34
C VAL B 326 -13.34 -23.86 26.20
N LEU B 327 -14.49 -24.12 25.58
CA LEU B 327 -15.53 -24.92 26.18
C LEU B 327 -15.55 -26.30 25.53
N LEU B 328 -15.79 -27.34 26.33
CA LEU B 328 -15.90 -28.69 25.82
C LEU B 328 -17.31 -29.20 26.11
N PRO B 329 -18.09 -29.48 25.06
CA PRO B 329 -19.52 -29.77 25.22
C PRO B 329 -19.81 -31.25 25.48
#